data_3CA7
# 
_entry.id   3CA7 
# 
_audit_conform.dict_name       mmcif_pdbx.dic 
_audit_conform.dict_version    5.399 
_audit_conform.dict_location   http://mmcif.pdb.org/dictionaries/ascii/mmcif_pdbx.dic 
# 
loop_
_database_2.database_id 
_database_2.database_code 
_database_2.pdbx_database_accession 
_database_2.pdbx_DOI 
PDB   3CA7         pdb_00003ca7 10.2210/pdb3ca7/pdb 
RCSB  RCSB046534   ?            ?                   
WWPDB D_1000046534 ?            ?                   
# 
loop_
_pdbx_audit_revision_history.ordinal 
_pdbx_audit_revision_history.data_content_type 
_pdbx_audit_revision_history.major_revision 
_pdbx_audit_revision_history.minor_revision 
_pdbx_audit_revision_history.revision_date 
1 'Structure model' 1 0 2008-05-20 
2 'Structure model' 1 1 2011-07-13 
3 'Structure model' 1 2 2023-08-30 
4 'Structure model' 1 3 2024-11-20 
# 
_pdbx_audit_revision_details.ordinal             1 
_pdbx_audit_revision_details.revision_ordinal    1 
_pdbx_audit_revision_details.data_content_type   'Structure model' 
_pdbx_audit_revision_details.provider            repository 
_pdbx_audit_revision_details.type                'Initial release' 
_pdbx_audit_revision_details.description         ? 
_pdbx_audit_revision_details.details             ? 
# 
loop_
_pdbx_audit_revision_group.ordinal 
_pdbx_audit_revision_group.revision_ordinal 
_pdbx_audit_revision_group.data_content_type 
_pdbx_audit_revision_group.group 
1 2 'Structure model' 'Version format compliance' 
2 3 'Structure model' 'Data collection'           
3 3 'Structure model' 'Database references'       
4 3 'Structure model' 'Refinement description'    
5 4 'Structure model' 'Structure summary'         
# 
loop_
_pdbx_audit_revision_category.ordinal 
_pdbx_audit_revision_category.revision_ordinal 
_pdbx_audit_revision_category.data_content_type 
_pdbx_audit_revision_category.category 
1 3 'Structure model' chem_comp_atom                
2 3 'Structure model' chem_comp_bond                
3 3 'Structure model' database_2                    
4 3 'Structure model' pdbx_initial_refinement_model 
5 4 'Structure model' pdbx_entry_details            
6 4 'Structure model' pdbx_modification_feature     
# 
loop_
_pdbx_audit_revision_item.ordinal 
_pdbx_audit_revision_item.revision_ordinal 
_pdbx_audit_revision_item.data_content_type 
_pdbx_audit_revision_item.item 
1 3 'Structure model' '_database_2.pdbx_DOI'                
2 3 'Structure model' '_database_2.pdbx_database_accession' 
# 
_pdbx_database_status.status_code                     REL 
_pdbx_database_status.entry_id                        3CA7 
_pdbx_database_status.recvd_initial_deposition_date   2008-02-19 
_pdbx_database_status.deposit_site                    RCSB 
_pdbx_database_status.process_site                    RCSB 
_pdbx_database_status.status_code_sf                  REL 
_pdbx_database_status.status_code_mr                  ? 
_pdbx_database_status.SG_entry                        ? 
_pdbx_database_status.pdb_format_compatible           Y 
_pdbx_database_status.status_code_cs                  ? 
_pdbx_database_status.status_code_nmr_data            ? 
_pdbx_database_status.methods_development_category    ? 
# 
loop_
_audit_author.name 
_audit_author.pdbx_ordinal 
'Klein, D.E.'    1 
'Stayrook, S.E.' 2 
'Lemmon, M.A.'   3 
# 
_citation.id                        primary 
_citation.title                     'Structural basis for EGFR ligand sequestration by Argos.' 
_citation.journal_abbrev            Nature 
_citation.journal_volume            453 
_citation.page_first                1271 
_citation.page_last                 1275 
_citation.year                      2008 
_citation.journal_id_ASTM           NATUAS 
_citation.country                   UK 
_citation.journal_id_ISSN           0028-0836 
_citation.journal_id_CSD            0006 
_citation.book_publisher            ? 
_citation.pdbx_database_id_PubMed   18500331 
_citation.pdbx_database_id_DOI      10.1038/nature06978 
# 
loop_
_citation_author.citation_id 
_citation_author.name 
_citation_author.ordinal 
_citation_author.identifier_ORCID 
primary 'Klein, D.E.'    1 ? 
primary 'Stayrook, S.E.' 2 ? 
primary 'Shi, F.'        3 ? 
primary 'Narayan, K.'    4 ? 
primary 'Lemmon, M.A.'   5 ? 
# 
loop_
_entity.id 
_entity.type 
_entity.src_method 
_entity.pdbx_description 
_entity.formula_weight 
_entity.pdbx_number_of_molecules 
_entity.pdbx_ec 
_entity.pdbx_mutation 
_entity.pdbx_fragment 
_entity.details 
1 polymer man 'Protein spitz' 6012.862 1  ? ? 'UNP residues 76-127' ? 
2 water   nat water           18.015   81 ? ? ?                     ? 
# 
_entity_poly.entity_id                      1 
_entity_poly.type                           'polypeptide(L)' 
_entity_poly.nstd_linkage                   no 
_entity_poly.nstd_monomer                   no 
_entity_poly.pdbx_seq_one_letter_code       TFPTYKCPETFDAWYCLNDAHCFAVKIADLPVYSCECAIGFMGQRCEYKEID 
_entity_poly.pdbx_seq_one_letter_code_can   TFPTYKCPETFDAWYCLNDAHCFAVKIADLPVYSCECAIGFMGQRCEYKEID 
_entity_poly.pdbx_strand_id                 A 
_entity_poly.pdbx_target_identifier         ? 
# 
_pdbx_entity_nonpoly.entity_id   2 
_pdbx_entity_nonpoly.name        water 
_pdbx_entity_nonpoly.comp_id     HOH 
# 
loop_
_entity_poly_seq.entity_id 
_entity_poly_seq.num 
_entity_poly_seq.mon_id 
_entity_poly_seq.hetero 
1 1  THR n 
1 2  PHE n 
1 3  PRO n 
1 4  THR n 
1 5  TYR n 
1 6  LYS n 
1 7  CYS n 
1 8  PRO n 
1 9  GLU n 
1 10 THR n 
1 11 PHE n 
1 12 ASP n 
1 13 ALA n 
1 14 TRP n 
1 15 TYR n 
1 16 CYS n 
1 17 LEU n 
1 18 ASN n 
1 19 ASP n 
1 20 ALA n 
1 21 HIS n 
1 22 CYS n 
1 23 PHE n 
1 24 ALA n 
1 25 VAL n 
1 26 LYS n 
1 27 ILE n 
1 28 ALA n 
1 29 ASP n 
1 30 LEU n 
1 31 PRO n 
1 32 VAL n 
1 33 TYR n 
1 34 SER n 
1 35 CYS n 
1 36 GLU n 
1 37 CYS n 
1 38 ALA n 
1 39 ILE n 
1 40 GLY n 
1 41 PHE n 
1 42 MET n 
1 43 GLY n 
1 44 GLN n 
1 45 ARG n 
1 46 CYS n 
1 47 GLU n 
1 48 TYR n 
1 49 LYS n 
1 50 GLU n 
1 51 ILE n 
1 52 ASP n 
# 
_entity_src_gen.entity_id                          1 
_entity_src_gen.pdbx_src_id                        1 
_entity_src_gen.pdbx_alt_source_flag               sample 
_entity_src_gen.pdbx_seq_type                      ? 
_entity_src_gen.pdbx_beg_seq_num                   ? 
_entity_src_gen.pdbx_end_seq_num                   ? 
_entity_src_gen.gene_src_common_name               'Fruit fly' 
_entity_src_gen.gene_src_genus                     ? 
_entity_src_gen.pdbx_gene_src_gene                 spi 
_entity_src_gen.gene_src_species                   ? 
_entity_src_gen.gene_src_strain                    ? 
_entity_src_gen.gene_src_tissue                    ? 
_entity_src_gen.gene_src_tissue_fraction           ? 
_entity_src_gen.gene_src_details                   ? 
_entity_src_gen.pdbx_gene_src_fragment             ? 
_entity_src_gen.pdbx_gene_src_scientific_name      'Drosophila melanogaster' 
_entity_src_gen.pdbx_gene_src_ncbi_taxonomy_id     ? 
_entity_src_gen.pdbx_gene_src_variant              ? 
_entity_src_gen.pdbx_gene_src_cell_line            ? 
_entity_src_gen.pdbx_gene_src_atcc                 ? 
_entity_src_gen.pdbx_gene_src_organ                ? 
_entity_src_gen.pdbx_gene_src_organelle            ? 
_entity_src_gen.pdbx_gene_src_cell                 ? 
_entity_src_gen.pdbx_gene_src_cellular_location    ? 
_entity_src_gen.host_org_common_name               ? 
_entity_src_gen.pdbx_host_org_scientific_name      'Drosophila melanogaster' 
_entity_src_gen.pdbx_host_org_ncbi_taxonomy_id     ? 
_entity_src_gen.host_org_genus                     ? 
_entity_src_gen.pdbx_host_org_gene                 ? 
_entity_src_gen.pdbx_host_org_organ                ? 
_entity_src_gen.host_org_species                   ? 
_entity_src_gen.pdbx_host_org_tissue               ? 
_entity_src_gen.pdbx_host_org_tissue_fraction      ? 
_entity_src_gen.pdbx_host_org_strain               ? 
_entity_src_gen.pdbx_host_org_variant              ? 
_entity_src_gen.pdbx_host_org_cell_line            ? 
_entity_src_gen.pdbx_host_org_atcc                 ? 
_entity_src_gen.pdbx_host_org_culture_collection   ? 
_entity_src_gen.pdbx_host_org_cell                 'Schneider-2 cells' 
_entity_src_gen.pdbx_host_org_organelle            ? 
_entity_src_gen.pdbx_host_org_cellular_location    ? 
_entity_src_gen.pdbx_host_org_vector_type          plasmid 
_entity_src_gen.pdbx_host_org_vector               ? 
_entity_src_gen.host_org_details                   ? 
_entity_src_gen.expression_system_id               ? 
_entity_src_gen.plasmid_name                       'pMT/BiP/V5-HisA(Invitrogen)' 
_entity_src_gen.plasmid_details                    ? 
_entity_src_gen.pdbx_description                   ? 
# 
loop_
_chem_comp.id 
_chem_comp.type 
_chem_comp.mon_nstd_flag 
_chem_comp.name 
_chem_comp.pdbx_synonyms 
_chem_comp.formula 
_chem_comp.formula_weight 
ALA 'L-peptide linking' y ALANINE         ? 'C3 H7 N O2'     89.093  
ARG 'L-peptide linking' y ARGININE        ? 'C6 H15 N4 O2 1' 175.209 
ASN 'L-peptide linking' y ASPARAGINE      ? 'C4 H8 N2 O3'    132.118 
ASP 'L-peptide linking' y 'ASPARTIC ACID' ? 'C4 H7 N O4'     133.103 
CYS 'L-peptide linking' y CYSTEINE        ? 'C3 H7 N O2 S'   121.158 
GLN 'L-peptide linking' y GLUTAMINE       ? 'C5 H10 N2 O3'   146.144 
GLU 'L-peptide linking' y 'GLUTAMIC ACID' ? 'C5 H9 N O4'     147.129 
GLY 'peptide linking'   y GLYCINE         ? 'C2 H5 N O2'     75.067  
HIS 'L-peptide linking' y HISTIDINE       ? 'C6 H10 N3 O2 1' 156.162 
HOH non-polymer         . WATER           ? 'H2 O'           18.015  
ILE 'L-peptide linking' y ISOLEUCINE      ? 'C6 H13 N O2'    131.173 
LEU 'L-peptide linking' y LEUCINE         ? 'C6 H13 N O2'    131.173 
LYS 'L-peptide linking' y LYSINE          ? 'C6 H15 N2 O2 1' 147.195 
MET 'L-peptide linking' y METHIONINE      ? 'C5 H11 N O2 S'  149.211 
PHE 'L-peptide linking' y PHENYLALANINE   ? 'C9 H11 N O2'    165.189 
PRO 'L-peptide linking' y PROLINE         ? 'C5 H9 N O2'     115.130 
SER 'L-peptide linking' y SERINE          ? 'C3 H7 N O3'     105.093 
THR 'L-peptide linking' y THREONINE       ? 'C4 H9 N O3'     119.119 
TRP 'L-peptide linking' y TRYPTOPHAN      ? 'C11 H12 N2 O2'  204.225 
TYR 'L-peptide linking' y TYROSINE        ? 'C9 H11 N O3'    181.189 
VAL 'L-peptide linking' y VALINE          ? 'C5 H11 N O2'    117.146 
# 
loop_
_pdbx_poly_seq_scheme.asym_id 
_pdbx_poly_seq_scheme.entity_id 
_pdbx_poly_seq_scheme.seq_id 
_pdbx_poly_seq_scheme.mon_id 
_pdbx_poly_seq_scheme.ndb_seq_num 
_pdbx_poly_seq_scheme.pdb_seq_num 
_pdbx_poly_seq_scheme.auth_seq_num 
_pdbx_poly_seq_scheme.pdb_mon_id 
_pdbx_poly_seq_scheme.auth_mon_id 
_pdbx_poly_seq_scheme.pdb_strand_id 
_pdbx_poly_seq_scheme.pdb_ins_code 
_pdbx_poly_seq_scheme.hetero 
A 1 1  THR 1  48 48 THR THR A . n 
A 1 2  PHE 2  49 49 PHE PHE A . n 
A 1 3  PRO 3  50 50 PRO PRO A . n 
A 1 4  THR 4  51 51 THR THR A . n 
A 1 5  TYR 5  52 52 TYR TYR A . n 
A 1 6  LYS 6  53 53 LYS LYS A . n 
A 1 7  CYS 7  54 54 CYS CYS A . n 
A 1 8  PRO 8  55 55 PRO PRO A . n 
A 1 9  GLU 9  56 56 GLU GLU A . n 
A 1 10 THR 10 57 57 THR THR A . n 
A 1 11 PHE 11 58 58 PHE PHE A . n 
A 1 12 ASP 12 59 59 ASP ASP A . n 
A 1 13 ALA 13 60 60 ALA ALA A . n 
A 1 14 TRP 14 61 61 TRP TRP A . n 
A 1 15 TYR 15 62 62 TYR TYR A . n 
A 1 16 CYS 16 63 63 CYS CYS A . n 
A 1 17 LEU 17 64 64 LEU LEU A . n 
A 1 18 ASN 18 65 65 ASN ASN A . n 
A 1 19 ASP 19 66 66 ASP ASP A . n 
A 1 20 ALA 20 67 67 ALA ALA A . n 
A 1 21 HIS 21 68 68 HIS HIS A . n 
A 1 22 CYS 22 69 69 CYS CYS A . n 
A 1 23 PHE 23 70 70 PHE PHE A . n 
A 1 24 ALA 24 71 71 ALA ALA A . n 
A 1 25 VAL 25 72 72 VAL VAL A . n 
A 1 26 LYS 26 73 73 LYS LYS A . n 
A 1 27 ILE 27 74 74 ILE ILE A . n 
A 1 28 ALA 28 75 75 ALA ALA A . n 
A 1 29 ASP 29 76 76 ASP ASP A . n 
A 1 30 LEU 30 77 77 LEU LEU A . n 
A 1 31 PRO 31 78 78 PRO PRO A . n 
A 1 32 VAL 32 79 79 VAL VAL A . n 
A 1 33 TYR 33 80 80 TYR TYR A . n 
A 1 34 SER 34 81 81 SER SER A . n 
A 1 35 CYS 35 82 82 CYS CYS A . n 
A 1 36 GLU 36 83 83 GLU GLU A . n 
A 1 37 CYS 37 84 84 CYS CYS A . n 
A 1 38 ALA 38 85 85 ALA ALA A . n 
A 1 39 ILE 39 86 86 ILE ILE A . n 
A 1 40 GLY 40 87 87 GLY GLY A . n 
A 1 41 PHE 41 88 88 PHE PHE A . n 
A 1 42 MET 42 89 89 MET MET A . n 
A 1 43 GLY 43 90 90 GLY GLY A . n 
A 1 44 GLN 44 91 91 GLN GLN A . n 
A 1 45 ARG 45 92 92 ARG ARG A . n 
A 1 46 CYS 46 93 93 CYS CYS A . n 
A 1 47 GLU 47 94 94 GLU GLU A . n 
A 1 48 TYR 48 95 95 TYR TYR A . n 
A 1 49 LYS 49 96 96 LYS LYS A . n 
A 1 50 GLU 50 97 97 GLU GLU A . n 
A 1 51 ILE 51 98 ?  ?   ?   A . n 
A 1 52 ASP 52 99 ?  ?   ?   A . n 
# 
loop_
_pdbx_nonpoly_scheme.asym_id 
_pdbx_nonpoly_scheme.entity_id 
_pdbx_nonpoly_scheme.mon_id 
_pdbx_nonpoly_scheme.ndb_seq_num 
_pdbx_nonpoly_scheme.pdb_seq_num 
_pdbx_nonpoly_scheme.auth_seq_num 
_pdbx_nonpoly_scheme.pdb_mon_id 
_pdbx_nonpoly_scheme.auth_mon_id 
_pdbx_nonpoly_scheme.pdb_strand_id 
_pdbx_nonpoly_scheme.pdb_ins_code 
B 2 HOH 1  100 100 HOH HOH A . 
B 2 HOH 2  101 101 HOH HOH A . 
B 2 HOH 3  102 102 HOH HOH A . 
B 2 HOH 4  103 103 HOH HOH A . 
B 2 HOH 5  104 104 HOH HOH A . 
B 2 HOH 6  105 105 HOH HOH A . 
B 2 HOH 7  106 106 HOH HOH A . 
B 2 HOH 8  107 107 HOH HOH A . 
B 2 HOH 9  108 108 HOH HOH A . 
B 2 HOH 10 109 109 HOH HOH A . 
B 2 HOH 11 110 110 HOH HOH A . 
B 2 HOH 12 111 111 HOH HOH A . 
B 2 HOH 13 112 112 HOH HOH A . 
B 2 HOH 14 113 113 HOH HOH A . 
B 2 HOH 15 114 114 HOH HOH A . 
B 2 HOH 16 115 115 HOH HOH A . 
B 2 HOH 17 116 116 HOH HOH A . 
B 2 HOH 18 117 117 HOH HOH A . 
B 2 HOH 19 118 118 HOH HOH A . 
B 2 HOH 20 119 119 HOH HOH A . 
B 2 HOH 21 120 120 HOH HOH A . 
B 2 HOH 22 121 121 HOH HOH A . 
B 2 HOH 23 122 122 HOH HOH A . 
B 2 HOH 24 123 123 HOH HOH A . 
B 2 HOH 25 124 124 HOH HOH A . 
B 2 HOH 26 125 125 HOH HOH A . 
B 2 HOH 27 126 126 HOH HOH A . 
B 2 HOH 28 127 127 HOH HOH A . 
B 2 HOH 29 128 128 HOH HOH A . 
B 2 HOH 30 129 129 HOH HOH A . 
B 2 HOH 31 130 130 HOH HOH A . 
B 2 HOH 32 131 131 HOH HOH A . 
B 2 HOH 33 132 132 HOH HOH A . 
B 2 HOH 34 133 133 HOH HOH A . 
B 2 HOH 35 134 134 HOH HOH A . 
B 2 HOH 36 135 135 HOH HOH A . 
B 2 HOH 37 136 136 HOH HOH A . 
B 2 HOH 38 137 137 HOH HOH A . 
B 2 HOH 39 138 138 HOH HOH A . 
B 2 HOH 40 139 139 HOH HOH A . 
B 2 HOH 41 140 140 HOH HOH A . 
B 2 HOH 42 141 141 HOH HOH A . 
B 2 HOH 43 142 142 HOH HOH A . 
B 2 HOH 44 143 143 HOH HOH A . 
B 2 HOH 45 144 144 HOH HOH A . 
B 2 HOH 46 145 145 HOH HOH A . 
B 2 HOH 47 146 146 HOH HOH A . 
B 2 HOH 48 147 147 HOH HOH A . 
B 2 HOH 49 148 148 HOH HOH A . 
B 2 HOH 50 149 149 HOH HOH A . 
B 2 HOH 51 150 150 HOH HOH A . 
B 2 HOH 52 151 151 HOH HOH A . 
B 2 HOH 53 152 152 HOH HOH A . 
B 2 HOH 54 153 153 HOH HOH A . 
B 2 HOH 55 154 154 HOH HOH A . 
B 2 HOH 56 155 155 HOH HOH A . 
B 2 HOH 57 156 156 HOH HOH A . 
B 2 HOH 58 157 157 HOH HOH A . 
B 2 HOH 59 158 158 HOH HOH A . 
B 2 HOH 60 159 159 HOH HOH A . 
B 2 HOH 61 160 160 HOH HOH A . 
B 2 HOH 62 161 161 HOH HOH A . 
B 2 HOH 63 162 162 HOH HOH A . 
B 2 HOH 64 163 163 HOH HOH A . 
B 2 HOH 65 164 164 HOH HOH A . 
B 2 HOH 66 165 165 HOH HOH A . 
B 2 HOH 67 166 166 HOH HOH A . 
B 2 HOH 68 167 167 HOH HOH A . 
B 2 HOH 69 168 168 HOH HOH A . 
B 2 HOH 70 169 169 HOH HOH A . 
B 2 HOH 71 170 170 HOH HOH A . 
B 2 HOH 72 171 171 HOH HOH A . 
B 2 HOH 73 172 172 HOH HOH A . 
B 2 HOH 74 173 173 HOH HOH A . 
B 2 HOH 75 174 174 HOH HOH A . 
B 2 HOH 76 175 175 HOH HOH A . 
B 2 HOH 77 176 176 HOH HOH A . 
B 2 HOH 78 177 177 HOH HOH A . 
B 2 HOH 79 178 178 HOH HOH A . 
B 2 HOH 80 179 179 HOH HOH A . 
B 2 HOH 81 180 180 HOH HOH A . 
# 
loop_
_software.name 
_software.classification 
_software.version 
_software.citation_id 
_software.pdbx_ordinal 
REFMAC    refinement       5.2.0019 ? 1 
HKL-2000  'data reduction' .        ? 2 
SCALEPACK 'data scaling'   .        ? 3 
PHASER    phasing          .        ? 4 
# 
_cell.entry_id           3CA7 
_cell.length_a           58.305 
_cell.length_b           36.154 
_cell.length_c           25.362 
_cell.angle_alpha        90.00 
_cell.angle_beta         103.09 
_cell.angle_gamma        90.00 
_cell.Z_PDB              4 
_cell.pdbx_unique_axis   ? 
_cell.length_a_esd       ? 
_cell.length_b_esd       ? 
_cell.length_c_esd       ? 
_cell.angle_alpha_esd    ? 
_cell.angle_beta_esd     ? 
_cell.angle_gamma_esd    ? 
# 
_symmetry.entry_id                         3CA7 
_symmetry.space_group_name_H-M             'C 1 2 1' 
_symmetry.pdbx_full_space_group_name_H-M   ? 
_symmetry.cell_setting                     ? 
_symmetry.Int_Tables_number                5 
_symmetry.space_group_name_Hall            ? 
# 
_exptl.entry_id          3CA7 
_exptl.method            'X-RAY DIFFRACTION' 
_exptl.crystals_number   1 
# 
_exptl_crystal.id                    1 
_exptl_crystal.density_meas          ? 
_exptl_crystal.density_Matthews      2.17 
_exptl_crystal.density_percent_sol   43.19 
_exptl_crystal.description           ? 
_exptl_crystal.F_000                 ? 
_exptl_crystal.preparation           ? 
# 
_exptl_crystal_grow.crystal_id      1 
_exptl_crystal_grow.method          ? 
_exptl_crystal_grow.temp            294 
_exptl_crystal_grow.temp_details    ? 
_exptl_crystal_grow.pH              6.50 
_exptl_crystal_grow.pdbx_details    
'15mM ammonium sulphate, 0.1M MES pH 6.5, 24% ethylene glycol, VAPOR DIFFUSION, HANGING DROP, temperature 294K, pH 6.50' 
_exptl_crystal_grow.pdbx_pH_range   . 
# 
_diffrn.id                     1 
_diffrn.ambient_temp           100.0 
_diffrn.ambient_temp_details   ? 
_diffrn.crystal_id             1 
# 
_diffrn_detector.diffrn_id              1 
_diffrn_detector.detector               CCD 
_diffrn_detector.type                   'MARMOSAIC 300 mm CCD' 
_diffrn_detector.pdbx_collection_date   2007-04-05 
_diffrn_detector.details                '3.0 UNDULATOR' 
# 
_diffrn_radiation.diffrn_id                        1 
_diffrn_radiation.wavelength_id                    1 
_diffrn_radiation.pdbx_monochromatic_or_laue_m_l   M 
_diffrn_radiation.monochromator                    'SAGITALLY FOCUSED SI(111)' 
_diffrn_radiation.pdbx_diffrn_protocol             'SINGLE WAVELENGTH' 
_diffrn_radiation.pdbx_scattering_type             x-ray 
# 
_diffrn_radiation_wavelength.id           1 
_diffrn_radiation_wavelength.wavelength   0.92 
_diffrn_radiation_wavelength.wt           1.0 
# 
_diffrn_source.diffrn_id                   1 
_diffrn_source.source                      SYNCHROTRON 
_diffrn_source.type                        'APS BEAMLINE 23-ID-D' 
_diffrn_source.pdbx_synchrotron_site       APS 
_diffrn_source.pdbx_synchrotron_beamline   23-ID-D 
_diffrn_source.pdbx_wavelength             0.92 
_diffrn_source.pdbx_wavelength_list        ? 
# 
_reflns.entry_id                     3CA7 
_reflns.observed_criterion_sigma_I   -3.000 
_reflns.observed_criterion_sigma_F   ? 
_reflns.d_resolution_low             50.000 
_reflns.d_resolution_high            1.499 
_reflns.number_obs                   7284 
_reflns.number_all                   ? 
_reflns.percent_possible_obs         91.6 
_reflns.pdbx_Rmerge_I_obs            0.04700 
_reflns.pdbx_Rsym_value              ? 
_reflns.pdbx_netI_over_sigmaI        16.3000 
_reflns.B_iso_Wilson_estimate        20.60 
_reflns.pdbx_redundancy              5.300 
_reflns.R_free_details               ? 
_reflns.limit_h_max                  ? 
_reflns.limit_h_min                  ? 
_reflns.limit_k_max                  ? 
_reflns.limit_k_min                  ? 
_reflns.limit_l_max                  ? 
_reflns.limit_l_min                  ? 
_reflns.observed_criterion_F_max     ? 
_reflns.observed_criterion_F_min     ? 
_reflns.pdbx_chi_squared             ? 
_reflns.pdbx_scaling_rejects         ? 
_reflns.pdbx_diffrn_id               1 
_reflns.pdbx_ordinal                 1 
# 
_reflns_shell.d_res_high             1.499 
_reflns_shell.d_res_low              1.55 
_reflns_shell.percent_possible_all   56.6 
_reflns_shell.Rmerge_I_obs           0.21000 
_reflns_shell.pdbx_Rsym_value        ? 
_reflns_shell.meanI_over_sigI_obs    4.600 
_reflns_shell.pdbx_redundancy        3.60 
_reflns_shell.percent_possible_obs   ? 
_reflns_shell.number_unique_all      ? 
_reflns_shell.number_measured_all    ? 
_reflns_shell.number_measured_obs    ? 
_reflns_shell.number_unique_obs      ? 
_reflns_shell.pdbx_chi_squared       ? 
_reflns_shell.pdbx_diffrn_id         ? 
_reflns_shell.pdbx_ordinal           1 
# 
_refine.entry_id                                 3CA7 
_refine.ls_number_reflns_obs                     7284 
_refine.ls_number_reflns_all                     7634 
_refine.pdbx_ls_sigma_I                          ? 
_refine.pdbx_ls_sigma_F                          0.000 
_refine.pdbx_data_cutoff_high_absF               ? 
_refine.pdbx_data_cutoff_low_absF                ? 
_refine.pdbx_data_cutoff_high_rms_absF           ? 
_refine.ls_d_res_low                             30.50 
_refine.ls_d_res_high                            1.50 
_refine.ls_percent_reflns_obs                    91.5 
_refine.ls_R_factor_obs                          0.201 
_refine.ls_R_factor_all                          ? 
_refine.ls_R_factor_R_work                       0.200 
_refine.ls_R_factor_R_free                       0.236 
_refine.ls_R_factor_R_free_error                 ? 
_refine.ls_R_factor_R_free_error_details         ? 
_refine.ls_percent_reflns_R_free                 4.600 
_refine.ls_number_reflns_R_free                  350 
_refine.ls_number_parameters                     ? 
_refine.ls_number_restraints                     ? 
_refine.occupancy_min                            ? 
_refine.occupancy_max                            ? 
_refine.correlation_coeff_Fo_to_Fc               0.955 
_refine.correlation_coeff_Fo_to_Fc_free          0.925 
_refine.B_iso_mean                               20.66 
_refine.aniso_B[1][1]                            -0.45000 
_refine.aniso_B[2][2]                            0.96000 
_refine.aniso_B[3][3]                            -0.93000 
_refine.aniso_B[1][2]                            0.00000 
_refine.aniso_B[1][3]                            -0.92000 
_refine.aniso_B[2][3]                            0.00000 
_refine.solvent_model_details                    MASK 
_refine.solvent_model_param_ksol                 ? 
_refine.solvent_model_param_bsol                 ? 
_refine.pdbx_solvent_vdw_probe_radii             1.20 
_refine.pdbx_solvent_ion_probe_radii             0.80 
_refine.pdbx_solvent_shrinkage_radii             0.80 
_refine.pdbx_ls_cross_valid_method               THROUGHOUT 
_refine.details                                  'HYDROGENS HAVE BEEN ADDED IN THE RIDING POSITIONS' 
_refine.pdbx_starting_model                      'PDB ENTRY 1JL9' 
_refine.pdbx_method_to_determine_struct          'MOLECULAR REPLACEMENT' 
_refine.pdbx_isotropic_thermal_model             ? 
_refine.pdbx_stereochemistry_target_values       'MAXIMUM LIKELIHOOD' 
_refine.pdbx_stereochem_target_val_spec_case     ? 
_refine.pdbx_R_Free_selection_details            RANDOM 
_refine.pdbx_overall_ESU_R                       0.095 
_refine.pdbx_overall_ESU_R_Free                  0.096 
_refine.overall_SU_ML                            0.050 
_refine.pdbx_overall_phase_error                 ? 
_refine.overall_SU_B                             1.273 
_refine.ls_redundancy_reflns_obs                 ? 
_refine.B_iso_min                                ? 
_refine.B_iso_max                                ? 
_refine.overall_SU_R_Cruickshank_DPI             ? 
_refine.overall_SU_R_free                        ? 
_refine.ls_wR_factor_R_free                      ? 
_refine.ls_wR_factor_R_work                      ? 
_refine.overall_FOM_free_R_set                   ? 
_refine.overall_FOM_work_R_set                   ? 
_refine.pdbx_refine_id                           'X-RAY DIFFRACTION' 
_refine.pdbx_diffrn_id                           1 
_refine.pdbx_TLS_residual_ADP_flag               ? 
_refine.pdbx_overall_SU_R_free_Cruickshank_DPI   ? 
_refine.pdbx_overall_SU_R_Blow_DPI               ? 
_refine.pdbx_overall_SU_R_free_Blow_DPI          ? 
# 
_refine_hist.pdbx_refine_id                   'X-RAY DIFFRACTION' 
_refine_hist.cycle_id                         LAST 
_refine_hist.pdbx_number_atoms_protein        406 
_refine_hist.pdbx_number_atoms_nucleic_acid   0 
_refine_hist.pdbx_number_atoms_ligand         0 
_refine_hist.number_atoms_solvent             81 
_refine_hist.number_atoms_total               487 
_refine_hist.d_res_high                       1.50 
_refine_hist.d_res_low                        30.50 
# 
loop_
_refine_ls_restr.type 
_refine_ls_restr.dev_ideal 
_refine_ls_restr.dev_ideal_target 
_refine_ls_restr.weight 
_refine_ls_restr.number 
_refine_ls_restr.pdbx_refine_id 
_refine_ls_restr.pdbx_restraint_function 
r_bond_refined_d             0.009  0.022  ? 423 'X-RAY DIFFRACTION' ? 
r_bond_other_d               ?      ?      ? ?   'X-RAY DIFFRACTION' ? 
r_angle_refined_deg          1.165  1.936  ? 578 'X-RAY DIFFRACTION' ? 
r_angle_other_deg            ?      ?      ? ?   'X-RAY DIFFRACTION' ? 
r_dihedral_angle_1_deg       6.683  5.000  ? 51  'X-RAY DIFFRACTION' ? 
r_dihedral_angle_2_deg       34.263 24.000 ? 20  'X-RAY DIFFRACTION' ? 
r_dihedral_angle_3_deg       13.785 15.000 ? 63  'X-RAY DIFFRACTION' ? 
r_dihedral_angle_4_deg       11.741 15.000 ? 1   'X-RAY DIFFRACTION' ? 
r_chiral_restr               0.082  0.200  ? 59  'X-RAY DIFFRACTION' ? 
r_gen_planes_refined         0.005  0.020  ? 329 'X-RAY DIFFRACTION' ? 
r_gen_planes_other           ?      ?      ? ?   'X-RAY DIFFRACTION' ? 
r_nbd_refined                0.199  0.200  ? 155 'X-RAY DIFFRACTION' ? 
r_nbd_other                  ?      ?      ? ?   'X-RAY DIFFRACTION' ? 
r_nbtor_refined              0.313  0.200  ? 292 'X-RAY DIFFRACTION' ? 
r_nbtor_other                ?      ?      ? ?   'X-RAY DIFFRACTION' ? 
r_xyhbond_nbd_refined        0.115  0.200  ? 55  'X-RAY DIFFRACTION' ? 
r_xyhbond_nbd_other          ?      ?      ? ?   'X-RAY DIFFRACTION' ? 
r_metal_ion_refined          ?      ?      ? ?   'X-RAY DIFFRACTION' ? 
r_metal_ion_other            ?      ?      ? ?   'X-RAY DIFFRACTION' ? 
r_symmetry_vdw_refined       0.162  0.200  ? 29  'X-RAY DIFFRACTION' ? 
r_symmetry_vdw_other         ?      ?      ? ?   'X-RAY DIFFRACTION' ? 
r_symmetry_hbond_refined     0.169  0.200  ? 13  'X-RAY DIFFRACTION' ? 
r_symmetry_hbond_other       ?      ?      ? ?   'X-RAY DIFFRACTION' ? 
r_symmetry_metal_ion_refined ?      ?      ? ?   'X-RAY DIFFRACTION' ? 
r_symmetry_metal_ion_other   ?      ?      ? ?   'X-RAY DIFFRACTION' ? 
r_mcbond_it                  1.083  1.500  ? 260 'X-RAY DIFFRACTION' ? 
r_mcbond_other               ?      ?      ? ?   'X-RAY DIFFRACTION' ? 
r_mcangle_it                 1.535  2.000  ? 409 'X-RAY DIFFRACTION' ? 
r_scbond_it                  2.152  3.000  ? 193 'X-RAY DIFFRACTION' ? 
r_scangle_it                 3.222  4.500  ? 168 'X-RAY DIFFRACTION' ? 
r_rigid_bond_restr           ?      ?      ? ?   'X-RAY DIFFRACTION' ? 
r_sphericity_free            ?      ?      ? ?   'X-RAY DIFFRACTION' ? 
r_sphericity_bonded          ?      ?      ? ?   'X-RAY DIFFRACTION' ? 
# 
_refine_ls_shell.pdbx_total_number_of_bins_used   20 
_refine_ls_shell.d_res_high                       1.50 
_refine_ls_shell.d_res_low                        1.54 
_refine_ls_shell.number_reflns_R_work             319 
_refine_ls_shell.R_factor_R_work                  0.2720 
_refine_ls_shell.percent_reflns_obs               54.76 
_refine_ls_shell.R_factor_R_free                  0.3400 
_refine_ls_shell.R_factor_R_free_error            ? 
_refine_ls_shell.percent_reflns_R_free            ? 
_refine_ls_shell.number_reflns_R_free             9 
_refine_ls_shell.number_reflns_all                ? 
_refine_ls_shell.R_factor_all                     ? 
_refine_ls_shell.redundancy_reflns_obs            ? 
_refine_ls_shell.number_reflns_obs                ? 
_refine_ls_shell.pdbx_refine_id                   'X-RAY DIFFRACTION' 
# 
_struct.entry_id                  3CA7 
_struct.title                     'High Resolution Crystal Structure of the EGF domain of Spitz' 
_struct.pdbx_model_details        ? 
_struct.pdbx_CASP_flag            ? 
_struct.pdbx_model_type_details   ? 
# 
_struct_keywords.entry_id        3CA7 
_struct_keywords.pdbx_keywords   'HORMONE/SIGNALING PROTEIN' 
_struct_keywords.text            
;Spitz, Argos, EGF, Developmental protein, Differentiation, EGF-like domain, Endoplasmic reticulum, Glycoprotein, Golgi apparatus, Membrane, Neurogenesis, Transmembrane, HORMONE-SIGNALING PROTEIN COMPLEX
;
# 
loop_
_struct_asym.id 
_struct_asym.pdbx_blank_PDB_chainid_flag 
_struct_asym.pdbx_modified 
_struct_asym.entity_id 
_struct_asym.details 
A N N 1 ? 
B N N 2 ? 
# 
_struct_ref.id                         1 
_struct_ref.db_name                    UNP 
_struct_ref.db_code                    SPITZ_DROME 
_struct_ref.pdbx_db_accession          Q01083 
_struct_ref.entity_id                  1 
_struct_ref.pdbx_seq_one_letter_code   TFPTYKCPETFDAWYCLNDAHCFAVKIADLPVYSCECAIGFMGQRCEYKEID 
_struct_ref.pdbx_align_begin           76 
_struct_ref.pdbx_db_isoform            ? 
# 
_struct_ref_seq.align_id                      1 
_struct_ref_seq.ref_id                        1 
_struct_ref_seq.pdbx_PDB_id_code              3CA7 
_struct_ref_seq.pdbx_strand_id                A 
_struct_ref_seq.seq_align_beg                 1 
_struct_ref_seq.pdbx_seq_align_beg_ins_code   ? 
_struct_ref_seq.seq_align_end                 52 
_struct_ref_seq.pdbx_seq_align_end_ins_code   ? 
_struct_ref_seq.pdbx_db_accession             Q01083 
_struct_ref_seq.db_align_beg                  76 
_struct_ref_seq.pdbx_db_align_beg_ins_code    ? 
_struct_ref_seq.db_align_end                  127 
_struct_ref_seq.pdbx_db_align_end_ins_code    ? 
_struct_ref_seq.pdbx_auth_seq_align_beg       48 
_struct_ref_seq.pdbx_auth_seq_align_end       99 
# 
_pdbx_struct_assembly.id                   1 
_pdbx_struct_assembly.details              author_defined_assembly 
_pdbx_struct_assembly.method_details       ? 
_pdbx_struct_assembly.oligomeric_details   monomeric 
_pdbx_struct_assembly.oligomeric_count     1 
# 
_pdbx_struct_assembly_gen.assembly_id       1 
_pdbx_struct_assembly_gen.oper_expression   1 
_pdbx_struct_assembly_gen.asym_id_list      A,B 
# 
_pdbx_struct_oper_list.id                   1 
_pdbx_struct_oper_list.type                 'identity operation' 
_pdbx_struct_oper_list.name                 1_555 
_pdbx_struct_oper_list.symmetry_operation   x,y,z 
_pdbx_struct_oper_list.matrix[1][1]         1.0000000000 
_pdbx_struct_oper_list.matrix[1][2]         0.0000000000 
_pdbx_struct_oper_list.matrix[1][3]         0.0000000000 
_pdbx_struct_oper_list.vector[1]            0.0000000000 
_pdbx_struct_oper_list.matrix[2][1]         0.0000000000 
_pdbx_struct_oper_list.matrix[2][2]         1.0000000000 
_pdbx_struct_oper_list.matrix[2][3]         0.0000000000 
_pdbx_struct_oper_list.vector[2]            0.0000000000 
_pdbx_struct_oper_list.matrix[3][1]         0.0000000000 
_pdbx_struct_oper_list.matrix[3][2]         0.0000000000 
_pdbx_struct_oper_list.matrix[3][3]         1.0000000000 
_pdbx_struct_oper_list.vector[3]            0.0000000000 
# 
_struct_biol.id        1 
_struct_biol.details   ? 
# 
_struct_conf.conf_type_id            HELX_P 
_struct_conf.id                      HELX_P1 
_struct_conf.pdbx_PDB_helix_id       1 
_struct_conf.beg_label_comp_id       PRO 
_struct_conf.beg_label_asym_id       A 
_struct_conf.beg_label_seq_id        8 
_struct_conf.pdbx_beg_PDB_ins_code   ? 
_struct_conf.end_label_comp_id       TYR 
_struct_conf.end_label_asym_id       A 
_struct_conf.end_label_seq_id        15 
_struct_conf.pdbx_end_PDB_ins_code   ? 
_struct_conf.beg_auth_comp_id        PRO 
_struct_conf.beg_auth_asym_id        A 
_struct_conf.beg_auth_seq_id         55 
_struct_conf.end_auth_comp_id        TYR 
_struct_conf.end_auth_asym_id        A 
_struct_conf.end_auth_seq_id         62 
_struct_conf.pdbx_PDB_helix_class    1 
_struct_conf.details                 ? 
_struct_conf.pdbx_PDB_helix_length   8 
# 
_struct_conf_type.id          HELX_P 
_struct_conf_type.criteria    ? 
_struct_conf_type.reference   ? 
# 
loop_
_struct_conn.id 
_struct_conn.conn_type_id 
_struct_conn.pdbx_leaving_atom_flag 
_struct_conn.pdbx_PDB_id 
_struct_conn.ptnr1_label_asym_id 
_struct_conn.ptnr1_label_comp_id 
_struct_conn.ptnr1_label_seq_id 
_struct_conn.ptnr1_label_atom_id 
_struct_conn.pdbx_ptnr1_label_alt_id 
_struct_conn.pdbx_ptnr1_PDB_ins_code 
_struct_conn.pdbx_ptnr1_standard_comp_id 
_struct_conn.ptnr1_symmetry 
_struct_conn.ptnr2_label_asym_id 
_struct_conn.ptnr2_label_comp_id 
_struct_conn.ptnr2_label_seq_id 
_struct_conn.ptnr2_label_atom_id 
_struct_conn.pdbx_ptnr2_label_alt_id 
_struct_conn.pdbx_ptnr2_PDB_ins_code 
_struct_conn.ptnr1_auth_asym_id 
_struct_conn.ptnr1_auth_comp_id 
_struct_conn.ptnr1_auth_seq_id 
_struct_conn.ptnr2_auth_asym_id 
_struct_conn.ptnr2_auth_comp_id 
_struct_conn.ptnr2_auth_seq_id 
_struct_conn.ptnr2_symmetry 
_struct_conn.pdbx_ptnr3_label_atom_id 
_struct_conn.pdbx_ptnr3_label_seq_id 
_struct_conn.pdbx_ptnr3_label_comp_id 
_struct_conn.pdbx_ptnr3_label_asym_id 
_struct_conn.pdbx_ptnr3_label_alt_id 
_struct_conn.pdbx_ptnr3_PDB_ins_code 
_struct_conn.details 
_struct_conn.pdbx_dist_value 
_struct_conn.pdbx_value_order 
_struct_conn.pdbx_role 
disulf1 disulf ? ? A CYS 7  SG ? ? ? 1_555 A CYS 22 SG ? ? A CYS 54 A CYS 69 1_555 ? ? ? ? ? ? ? 2.055 ? ? 
disulf2 disulf ? ? A CYS 16 SG ? ? ? 1_555 A CYS 35 SG ? ? A CYS 63 A CYS 82 1_555 ? ? ? ? ? ? ? 2.016 ? ? 
disulf3 disulf ? ? A CYS 37 SG ? ? ? 1_555 A CYS 46 SG ? ? A CYS 84 A CYS 93 1_555 ? ? ? ? ? ? ? 2.041 ? ? 
# 
_struct_conn_type.id          disulf 
_struct_conn_type.criteria    ? 
_struct_conn_type.reference   ? 
# 
loop_
_pdbx_modification_feature.ordinal 
_pdbx_modification_feature.label_comp_id 
_pdbx_modification_feature.label_asym_id 
_pdbx_modification_feature.label_seq_id 
_pdbx_modification_feature.label_alt_id 
_pdbx_modification_feature.modified_residue_label_comp_id 
_pdbx_modification_feature.modified_residue_label_asym_id 
_pdbx_modification_feature.modified_residue_label_seq_id 
_pdbx_modification_feature.modified_residue_label_alt_id 
_pdbx_modification_feature.auth_comp_id 
_pdbx_modification_feature.auth_asym_id 
_pdbx_modification_feature.auth_seq_id 
_pdbx_modification_feature.PDB_ins_code 
_pdbx_modification_feature.symmetry 
_pdbx_modification_feature.modified_residue_auth_comp_id 
_pdbx_modification_feature.modified_residue_auth_asym_id 
_pdbx_modification_feature.modified_residue_auth_seq_id 
_pdbx_modification_feature.modified_residue_PDB_ins_code 
_pdbx_modification_feature.modified_residue_symmetry 
_pdbx_modification_feature.comp_id_linking_atom 
_pdbx_modification_feature.modified_residue_id_linking_atom 
_pdbx_modification_feature.modified_residue_id 
_pdbx_modification_feature.ref_pcm_id 
_pdbx_modification_feature.ref_comp_id 
_pdbx_modification_feature.type 
_pdbx_modification_feature.category 
1 CYS A 7  ? CYS A 22 ? CYS A 54 ? 1_555 CYS A 69 ? 1_555 SG SG . . . None 'Disulfide bridge' 
2 CYS A 16 ? CYS A 35 ? CYS A 63 ? 1_555 CYS A 82 ? 1_555 SG SG . . . None 'Disulfide bridge' 
3 CYS A 37 ? CYS A 46 ? CYS A 84 ? 1_555 CYS A 93 ? 1_555 SG SG . . . None 'Disulfide bridge' 
# 
loop_
_struct_sheet.id 
_struct_sheet.type 
_struct_sheet.number_strands 
_struct_sheet.details 
A ? 2 ? 
B ? 2 ? 
# 
loop_
_struct_sheet_order.sheet_id 
_struct_sheet_order.range_id_1 
_struct_sheet_order.range_id_2 
_struct_sheet_order.offset 
_struct_sheet_order.sense 
A 1 2 ? anti-parallel 
B 1 2 ? anti-parallel 
# 
loop_
_struct_sheet_range.sheet_id 
_struct_sheet_range.id 
_struct_sheet_range.beg_label_comp_id 
_struct_sheet_range.beg_label_asym_id 
_struct_sheet_range.beg_label_seq_id 
_struct_sheet_range.pdbx_beg_PDB_ins_code 
_struct_sheet_range.end_label_comp_id 
_struct_sheet_range.end_label_asym_id 
_struct_sheet_range.end_label_seq_id 
_struct_sheet_range.pdbx_end_PDB_ins_code 
_struct_sheet_range.beg_auth_comp_id 
_struct_sheet_range.beg_auth_asym_id 
_struct_sheet_range.beg_auth_seq_id 
_struct_sheet_range.end_auth_comp_id 
_struct_sheet_range.end_auth_asym_id 
_struct_sheet_range.end_auth_seq_id 
A 1 HIS A 21 ? ILE A 27 ? HIS A 68 ILE A 74 
A 2 LEU A 30 ? GLU A 36 ? LEU A 77 GLU A 83 
B 1 PHE A 41 ? MET A 42 ? PHE A 88 MET A 89 
B 2 TYR A 48 ? LYS A 49 ? TYR A 95 LYS A 96 
# 
loop_
_pdbx_struct_sheet_hbond.sheet_id 
_pdbx_struct_sheet_hbond.range_id_1 
_pdbx_struct_sheet_hbond.range_id_2 
_pdbx_struct_sheet_hbond.range_1_label_atom_id 
_pdbx_struct_sheet_hbond.range_1_label_comp_id 
_pdbx_struct_sheet_hbond.range_1_label_asym_id 
_pdbx_struct_sheet_hbond.range_1_label_seq_id 
_pdbx_struct_sheet_hbond.range_1_PDB_ins_code 
_pdbx_struct_sheet_hbond.range_1_auth_atom_id 
_pdbx_struct_sheet_hbond.range_1_auth_comp_id 
_pdbx_struct_sheet_hbond.range_1_auth_asym_id 
_pdbx_struct_sheet_hbond.range_1_auth_seq_id 
_pdbx_struct_sheet_hbond.range_2_label_atom_id 
_pdbx_struct_sheet_hbond.range_2_label_comp_id 
_pdbx_struct_sheet_hbond.range_2_label_asym_id 
_pdbx_struct_sheet_hbond.range_2_label_seq_id 
_pdbx_struct_sheet_hbond.range_2_PDB_ins_code 
_pdbx_struct_sheet_hbond.range_2_auth_atom_id 
_pdbx_struct_sheet_hbond.range_2_auth_comp_id 
_pdbx_struct_sheet_hbond.range_2_auth_asym_id 
_pdbx_struct_sheet_hbond.range_2_auth_seq_id 
A 1 2 N HIS A 21 ? N HIS A 68 O GLU A 36 ? O GLU A 83 
B 1 2 N MET A 42 ? N MET A 89 O TYR A 48 ? O TYR A 95 
# 
_pdbx_entry_details.entry_id                   3CA7 
_pdbx_entry_details.compound_details           ? 
_pdbx_entry_details.source_details             ? 
_pdbx_entry_details.nonpolymer_details         ? 
_pdbx_entry_details.sequence_details           ? 
_pdbx_entry_details.has_ligand_of_interest     ? 
_pdbx_entry_details.has_protein_modification   Y 
# 
_pdbx_struct_special_symmetry.id              1 
_pdbx_struct_special_symmetry.PDB_model_num   1 
_pdbx_struct_special_symmetry.auth_asym_id    A 
_pdbx_struct_special_symmetry.auth_comp_id    HOH 
_pdbx_struct_special_symmetry.auth_seq_id     143 
_pdbx_struct_special_symmetry.PDB_ins_code    ? 
_pdbx_struct_special_symmetry.label_asym_id   B 
_pdbx_struct_special_symmetry.label_comp_id   HOH 
_pdbx_struct_special_symmetry.label_seq_id    . 
# 
loop_
_pdbx_unobs_or_zero_occ_residues.id 
_pdbx_unobs_or_zero_occ_residues.PDB_model_num 
_pdbx_unobs_or_zero_occ_residues.polymer_flag 
_pdbx_unobs_or_zero_occ_residues.occupancy_flag 
_pdbx_unobs_or_zero_occ_residues.auth_asym_id 
_pdbx_unobs_or_zero_occ_residues.auth_comp_id 
_pdbx_unobs_or_zero_occ_residues.auth_seq_id 
_pdbx_unobs_or_zero_occ_residues.PDB_ins_code 
_pdbx_unobs_or_zero_occ_residues.label_asym_id 
_pdbx_unobs_or_zero_occ_residues.label_comp_id 
_pdbx_unobs_or_zero_occ_residues.label_seq_id 
1 1 Y 1 A ILE 98 ? A ILE 51 
2 1 Y 1 A ASP 99 ? A ASP 52 
# 
loop_
_chem_comp_atom.comp_id 
_chem_comp_atom.atom_id 
_chem_comp_atom.type_symbol 
_chem_comp_atom.pdbx_aromatic_flag 
_chem_comp_atom.pdbx_stereo_config 
_chem_comp_atom.pdbx_ordinal 
ALA N    N N N 1   
ALA CA   C N S 2   
ALA C    C N N 3   
ALA O    O N N 4   
ALA CB   C N N 5   
ALA OXT  O N N 6   
ALA H    H N N 7   
ALA H2   H N N 8   
ALA HA   H N N 9   
ALA HB1  H N N 10  
ALA HB2  H N N 11  
ALA HB3  H N N 12  
ALA HXT  H N N 13  
ARG N    N N N 14  
ARG CA   C N S 15  
ARG C    C N N 16  
ARG O    O N N 17  
ARG CB   C N N 18  
ARG CG   C N N 19  
ARG CD   C N N 20  
ARG NE   N N N 21  
ARG CZ   C N N 22  
ARG NH1  N N N 23  
ARG NH2  N N N 24  
ARG OXT  O N N 25  
ARG H    H N N 26  
ARG H2   H N N 27  
ARG HA   H N N 28  
ARG HB2  H N N 29  
ARG HB3  H N N 30  
ARG HG2  H N N 31  
ARG HG3  H N N 32  
ARG HD2  H N N 33  
ARG HD3  H N N 34  
ARG HE   H N N 35  
ARG HH11 H N N 36  
ARG HH12 H N N 37  
ARG HH21 H N N 38  
ARG HH22 H N N 39  
ARG HXT  H N N 40  
ASN N    N N N 41  
ASN CA   C N S 42  
ASN C    C N N 43  
ASN O    O N N 44  
ASN CB   C N N 45  
ASN CG   C N N 46  
ASN OD1  O N N 47  
ASN ND2  N N N 48  
ASN OXT  O N N 49  
ASN H    H N N 50  
ASN H2   H N N 51  
ASN HA   H N N 52  
ASN HB2  H N N 53  
ASN HB3  H N N 54  
ASN HD21 H N N 55  
ASN HD22 H N N 56  
ASN HXT  H N N 57  
ASP N    N N N 58  
ASP CA   C N S 59  
ASP C    C N N 60  
ASP O    O N N 61  
ASP CB   C N N 62  
ASP CG   C N N 63  
ASP OD1  O N N 64  
ASP OD2  O N N 65  
ASP OXT  O N N 66  
ASP H    H N N 67  
ASP H2   H N N 68  
ASP HA   H N N 69  
ASP HB2  H N N 70  
ASP HB3  H N N 71  
ASP HD2  H N N 72  
ASP HXT  H N N 73  
CYS N    N N N 74  
CYS CA   C N R 75  
CYS C    C N N 76  
CYS O    O N N 77  
CYS CB   C N N 78  
CYS SG   S N N 79  
CYS OXT  O N N 80  
CYS H    H N N 81  
CYS H2   H N N 82  
CYS HA   H N N 83  
CYS HB2  H N N 84  
CYS HB3  H N N 85  
CYS HG   H N N 86  
CYS HXT  H N N 87  
GLN N    N N N 88  
GLN CA   C N S 89  
GLN C    C N N 90  
GLN O    O N N 91  
GLN CB   C N N 92  
GLN CG   C N N 93  
GLN CD   C N N 94  
GLN OE1  O N N 95  
GLN NE2  N N N 96  
GLN OXT  O N N 97  
GLN H    H N N 98  
GLN H2   H N N 99  
GLN HA   H N N 100 
GLN HB2  H N N 101 
GLN HB3  H N N 102 
GLN HG2  H N N 103 
GLN HG3  H N N 104 
GLN HE21 H N N 105 
GLN HE22 H N N 106 
GLN HXT  H N N 107 
GLU N    N N N 108 
GLU CA   C N S 109 
GLU C    C N N 110 
GLU O    O N N 111 
GLU CB   C N N 112 
GLU CG   C N N 113 
GLU CD   C N N 114 
GLU OE1  O N N 115 
GLU OE2  O N N 116 
GLU OXT  O N N 117 
GLU H    H N N 118 
GLU H2   H N N 119 
GLU HA   H N N 120 
GLU HB2  H N N 121 
GLU HB3  H N N 122 
GLU HG2  H N N 123 
GLU HG3  H N N 124 
GLU HE2  H N N 125 
GLU HXT  H N N 126 
GLY N    N N N 127 
GLY CA   C N N 128 
GLY C    C N N 129 
GLY O    O N N 130 
GLY OXT  O N N 131 
GLY H    H N N 132 
GLY H2   H N N 133 
GLY HA2  H N N 134 
GLY HA3  H N N 135 
GLY HXT  H N N 136 
HIS N    N N N 137 
HIS CA   C N S 138 
HIS C    C N N 139 
HIS O    O N N 140 
HIS CB   C N N 141 
HIS CG   C Y N 142 
HIS ND1  N Y N 143 
HIS CD2  C Y N 144 
HIS CE1  C Y N 145 
HIS NE2  N Y N 146 
HIS OXT  O N N 147 
HIS H    H N N 148 
HIS H2   H N N 149 
HIS HA   H N N 150 
HIS HB2  H N N 151 
HIS HB3  H N N 152 
HIS HD1  H N N 153 
HIS HD2  H N N 154 
HIS HE1  H N N 155 
HIS HE2  H N N 156 
HIS HXT  H N N 157 
HOH O    O N N 158 
HOH H1   H N N 159 
HOH H2   H N N 160 
ILE N    N N N 161 
ILE CA   C N S 162 
ILE C    C N N 163 
ILE O    O N N 164 
ILE CB   C N S 165 
ILE CG1  C N N 166 
ILE CG2  C N N 167 
ILE CD1  C N N 168 
ILE OXT  O N N 169 
ILE H    H N N 170 
ILE H2   H N N 171 
ILE HA   H N N 172 
ILE HB   H N N 173 
ILE HG12 H N N 174 
ILE HG13 H N N 175 
ILE HG21 H N N 176 
ILE HG22 H N N 177 
ILE HG23 H N N 178 
ILE HD11 H N N 179 
ILE HD12 H N N 180 
ILE HD13 H N N 181 
ILE HXT  H N N 182 
LEU N    N N N 183 
LEU CA   C N S 184 
LEU C    C N N 185 
LEU O    O N N 186 
LEU CB   C N N 187 
LEU CG   C N N 188 
LEU CD1  C N N 189 
LEU CD2  C N N 190 
LEU OXT  O N N 191 
LEU H    H N N 192 
LEU H2   H N N 193 
LEU HA   H N N 194 
LEU HB2  H N N 195 
LEU HB3  H N N 196 
LEU HG   H N N 197 
LEU HD11 H N N 198 
LEU HD12 H N N 199 
LEU HD13 H N N 200 
LEU HD21 H N N 201 
LEU HD22 H N N 202 
LEU HD23 H N N 203 
LEU HXT  H N N 204 
LYS N    N N N 205 
LYS CA   C N S 206 
LYS C    C N N 207 
LYS O    O N N 208 
LYS CB   C N N 209 
LYS CG   C N N 210 
LYS CD   C N N 211 
LYS CE   C N N 212 
LYS NZ   N N N 213 
LYS OXT  O N N 214 
LYS H    H N N 215 
LYS H2   H N N 216 
LYS HA   H N N 217 
LYS HB2  H N N 218 
LYS HB3  H N N 219 
LYS HG2  H N N 220 
LYS HG3  H N N 221 
LYS HD2  H N N 222 
LYS HD3  H N N 223 
LYS HE2  H N N 224 
LYS HE3  H N N 225 
LYS HZ1  H N N 226 
LYS HZ2  H N N 227 
LYS HZ3  H N N 228 
LYS HXT  H N N 229 
MET N    N N N 230 
MET CA   C N S 231 
MET C    C N N 232 
MET O    O N N 233 
MET CB   C N N 234 
MET CG   C N N 235 
MET SD   S N N 236 
MET CE   C N N 237 
MET OXT  O N N 238 
MET H    H N N 239 
MET H2   H N N 240 
MET HA   H N N 241 
MET HB2  H N N 242 
MET HB3  H N N 243 
MET HG2  H N N 244 
MET HG3  H N N 245 
MET HE1  H N N 246 
MET HE2  H N N 247 
MET HE3  H N N 248 
MET HXT  H N N 249 
PHE N    N N N 250 
PHE CA   C N S 251 
PHE C    C N N 252 
PHE O    O N N 253 
PHE CB   C N N 254 
PHE CG   C Y N 255 
PHE CD1  C Y N 256 
PHE CD2  C Y N 257 
PHE CE1  C Y N 258 
PHE CE2  C Y N 259 
PHE CZ   C Y N 260 
PHE OXT  O N N 261 
PHE H    H N N 262 
PHE H2   H N N 263 
PHE HA   H N N 264 
PHE HB2  H N N 265 
PHE HB3  H N N 266 
PHE HD1  H N N 267 
PHE HD2  H N N 268 
PHE HE1  H N N 269 
PHE HE2  H N N 270 
PHE HZ   H N N 271 
PHE HXT  H N N 272 
PRO N    N N N 273 
PRO CA   C N S 274 
PRO C    C N N 275 
PRO O    O N N 276 
PRO CB   C N N 277 
PRO CG   C N N 278 
PRO CD   C N N 279 
PRO OXT  O N N 280 
PRO H    H N N 281 
PRO HA   H N N 282 
PRO HB2  H N N 283 
PRO HB3  H N N 284 
PRO HG2  H N N 285 
PRO HG3  H N N 286 
PRO HD2  H N N 287 
PRO HD3  H N N 288 
PRO HXT  H N N 289 
SER N    N N N 290 
SER CA   C N S 291 
SER C    C N N 292 
SER O    O N N 293 
SER CB   C N N 294 
SER OG   O N N 295 
SER OXT  O N N 296 
SER H    H N N 297 
SER H2   H N N 298 
SER HA   H N N 299 
SER HB2  H N N 300 
SER HB3  H N N 301 
SER HG   H N N 302 
SER HXT  H N N 303 
THR N    N N N 304 
THR CA   C N S 305 
THR C    C N N 306 
THR O    O N N 307 
THR CB   C N R 308 
THR OG1  O N N 309 
THR CG2  C N N 310 
THR OXT  O N N 311 
THR H    H N N 312 
THR H2   H N N 313 
THR HA   H N N 314 
THR HB   H N N 315 
THR HG1  H N N 316 
THR HG21 H N N 317 
THR HG22 H N N 318 
THR HG23 H N N 319 
THR HXT  H N N 320 
TRP N    N N N 321 
TRP CA   C N S 322 
TRP C    C N N 323 
TRP O    O N N 324 
TRP CB   C N N 325 
TRP CG   C Y N 326 
TRP CD1  C Y N 327 
TRP CD2  C Y N 328 
TRP NE1  N Y N 329 
TRP CE2  C Y N 330 
TRP CE3  C Y N 331 
TRP CZ2  C Y N 332 
TRP CZ3  C Y N 333 
TRP CH2  C Y N 334 
TRP OXT  O N N 335 
TRP H    H N N 336 
TRP H2   H N N 337 
TRP HA   H N N 338 
TRP HB2  H N N 339 
TRP HB3  H N N 340 
TRP HD1  H N N 341 
TRP HE1  H N N 342 
TRP HE3  H N N 343 
TRP HZ2  H N N 344 
TRP HZ3  H N N 345 
TRP HH2  H N N 346 
TRP HXT  H N N 347 
TYR N    N N N 348 
TYR CA   C N S 349 
TYR C    C N N 350 
TYR O    O N N 351 
TYR CB   C N N 352 
TYR CG   C Y N 353 
TYR CD1  C Y N 354 
TYR CD2  C Y N 355 
TYR CE1  C Y N 356 
TYR CE2  C Y N 357 
TYR CZ   C Y N 358 
TYR OH   O N N 359 
TYR OXT  O N N 360 
TYR H    H N N 361 
TYR H2   H N N 362 
TYR HA   H N N 363 
TYR HB2  H N N 364 
TYR HB3  H N N 365 
TYR HD1  H N N 366 
TYR HD2  H N N 367 
TYR HE1  H N N 368 
TYR HE2  H N N 369 
TYR HH   H N N 370 
TYR HXT  H N N 371 
VAL N    N N N 372 
VAL CA   C N S 373 
VAL C    C N N 374 
VAL O    O N N 375 
VAL CB   C N N 376 
VAL CG1  C N N 377 
VAL CG2  C N N 378 
VAL OXT  O N N 379 
VAL H    H N N 380 
VAL H2   H N N 381 
VAL HA   H N N 382 
VAL HB   H N N 383 
VAL HG11 H N N 384 
VAL HG12 H N N 385 
VAL HG13 H N N 386 
VAL HG21 H N N 387 
VAL HG22 H N N 388 
VAL HG23 H N N 389 
VAL HXT  H N N 390 
# 
loop_
_chem_comp_bond.comp_id 
_chem_comp_bond.atom_id_1 
_chem_comp_bond.atom_id_2 
_chem_comp_bond.value_order 
_chem_comp_bond.pdbx_aromatic_flag 
_chem_comp_bond.pdbx_stereo_config 
_chem_comp_bond.pdbx_ordinal 
ALA N   CA   sing N N 1   
ALA N   H    sing N N 2   
ALA N   H2   sing N N 3   
ALA CA  C    sing N N 4   
ALA CA  CB   sing N N 5   
ALA CA  HA   sing N N 6   
ALA C   O    doub N N 7   
ALA C   OXT  sing N N 8   
ALA CB  HB1  sing N N 9   
ALA CB  HB2  sing N N 10  
ALA CB  HB3  sing N N 11  
ALA OXT HXT  sing N N 12  
ARG N   CA   sing N N 13  
ARG N   H    sing N N 14  
ARG N   H2   sing N N 15  
ARG CA  C    sing N N 16  
ARG CA  CB   sing N N 17  
ARG CA  HA   sing N N 18  
ARG C   O    doub N N 19  
ARG C   OXT  sing N N 20  
ARG CB  CG   sing N N 21  
ARG CB  HB2  sing N N 22  
ARG CB  HB3  sing N N 23  
ARG CG  CD   sing N N 24  
ARG CG  HG2  sing N N 25  
ARG CG  HG3  sing N N 26  
ARG CD  NE   sing N N 27  
ARG CD  HD2  sing N N 28  
ARG CD  HD3  sing N N 29  
ARG NE  CZ   sing N N 30  
ARG NE  HE   sing N N 31  
ARG CZ  NH1  sing N N 32  
ARG CZ  NH2  doub N N 33  
ARG NH1 HH11 sing N N 34  
ARG NH1 HH12 sing N N 35  
ARG NH2 HH21 sing N N 36  
ARG NH2 HH22 sing N N 37  
ARG OXT HXT  sing N N 38  
ASN N   CA   sing N N 39  
ASN N   H    sing N N 40  
ASN N   H2   sing N N 41  
ASN CA  C    sing N N 42  
ASN CA  CB   sing N N 43  
ASN CA  HA   sing N N 44  
ASN C   O    doub N N 45  
ASN C   OXT  sing N N 46  
ASN CB  CG   sing N N 47  
ASN CB  HB2  sing N N 48  
ASN CB  HB3  sing N N 49  
ASN CG  OD1  doub N N 50  
ASN CG  ND2  sing N N 51  
ASN ND2 HD21 sing N N 52  
ASN ND2 HD22 sing N N 53  
ASN OXT HXT  sing N N 54  
ASP N   CA   sing N N 55  
ASP N   H    sing N N 56  
ASP N   H2   sing N N 57  
ASP CA  C    sing N N 58  
ASP CA  CB   sing N N 59  
ASP CA  HA   sing N N 60  
ASP C   O    doub N N 61  
ASP C   OXT  sing N N 62  
ASP CB  CG   sing N N 63  
ASP CB  HB2  sing N N 64  
ASP CB  HB3  sing N N 65  
ASP CG  OD1  doub N N 66  
ASP CG  OD2  sing N N 67  
ASP OD2 HD2  sing N N 68  
ASP OXT HXT  sing N N 69  
CYS N   CA   sing N N 70  
CYS N   H    sing N N 71  
CYS N   H2   sing N N 72  
CYS CA  C    sing N N 73  
CYS CA  CB   sing N N 74  
CYS CA  HA   sing N N 75  
CYS C   O    doub N N 76  
CYS C   OXT  sing N N 77  
CYS CB  SG   sing N N 78  
CYS CB  HB2  sing N N 79  
CYS CB  HB3  sing N N 80  
CYS SG  HG   sing N N 81  
CYS OXT HXT  sing N N 82  
GLN N   CA   sing N N 83  
GLN N   H    sing N N 84  
GLN N   H2   sing N N 85  
GLN CA  C    sing N N 86  
GLN CA  CB   sing N N 87  
GLN CA  HA   sing N N 88  
GLN C   O    doub N N 89  
GLN C   OXT  sing N N 90  
GLN CB  CG   sing N N 91  
GLN CB  HB2  sing N N 92  
GLN CB  HB3  sing N N 93  
GLN CG  CD   sing N N 94  
GLN CG  HG2  sing N N 95  
GLN CG  HG3  sing N N 96  
GLN CD  OE1  doub N N 97  
GLN CD  NE2  sing N N 98  
GLN NE2 HE21 sing N N 99  
GLN NE2 HE22 sing N N 100 
GLN OXT HXT  sing N N 101 
GLU N   CA   sing N N 102 
GLU N   H    sing N N 103 
GLU N   H2   sing N N 104 
GLU CA  C    sing N N 105 
GLU CA  CB   sing N N 106 
GLU CA  HA   sing N N 107 
GLU C   O    doub N N 108 
GLU C   OXT  sing N N 109 
GLU CB  CG   sing N N 110 
GLU CB  HB2  sing N N 111 
GLU CB  HB3  sing N N 112 
GLU CG  CD   sing N N 113 
GLU CG  HG2  sing N N 114 
GLU CG  HG3  sing N N 115 
GLU CD  OE1  doub N N 116 
GLU CD  OE2  sing N N 117 
GLU OE2 HE2  sing N N 118 
GLU OXT HXT  sing N N 119 
GLY N   CA   sing N N 120 
GLY N   H    sing N N 121 
GLY N   H2   sing N N 122 
GLY CA  C    sing N N 123 
GLY CA  HA2  sing N N 124 
GLY CA  HA3  sing N N 125 
GLY C   O    doub N N 126 
GLY C   OXT  sing N N 127 
GLY OXT HXT  sing N N 128 
HIS N   CA   sing N N 129 
HIS N   H    sing N N 130 
HIS N   H2   sing N N 131 
HIS CA  C    sing N N 132 
HIS CA  CB   sing N N 133 
HIS CA  HA   sing N N 134 
HIS C   O    doub N N 135 
HIS C   OXT  sing N N 136 
HIS CB  CG   sing N N 137 
HIS CB  HB2  sing N N 138 
HIS CB  HB3  sing N N 139 
HIS CG  ND1  sing Y N 140 
HIS CG  CD2  doub Y N 141 
HIS ND1 CE1  doub Y N 142 
HIS ND1 HD1  sing N N 143 
HIS CD2 NE2  sing Y N 144 
HIS CD2 HD2  sing N N 145 
HIS CE1 NE2  sing Y N 146 
HIS CE1 HE1  sing N N 147 
HIS NE2 HE2  sing N N 148 
HIS OXT HXT  sing N N 149 
HOH O   H1   sing N N 150 
HOH O   H2   sing N N 151 
ILE N   CA   sing N N 152 
ILE N   H    sing N N 153 
ILE N   H2   sing N N 154 
ILE CA  C    sing N N 155 
ILE CA  CB   sing N N 156 
ILE CA  HA   sing N N 157 
ILE C   O    doub N N 158 
ILE C   OXT  sing N N 159 
ILE CB  CG1  sing N N 160 
ILE CB  CG2  sing N N 161 
ILE CB  HB   sing N N 162 
ILE CG1 CD1  sing N N 163 
ILE CG1 HG12 sing N N 164 
ILE CG1 HG13 sing N N 165 
ILE CG2 HG21 sing N N 166 
ILE CG2 HG22 sing N N 167 
ILE CG2 HG23 sing N N 168 
ILE CD1 HD11 sing N N 169 
ILE CD1 HD12 sing N N 170 
ILE CD1 HD13 sing N N 171 
ILE OXT HXT  sing N N 172 
LEU N   CA   sing N N 173 
LEU N   H    sing N N 174 
LEU N   H2   sing N N 175 
LEU CA  C    sing N N 176 
LEU CA  CB   sing N N 177 
LEU CA  HA   sing N N 178 
LEU C   O    doub N N 179 
LEU C   OXT  sing N N 180 
LEU CB  CG   sing N N 181 
LEU CB  HB2  sing N N 182 
LEU CB  HB3  sing N N 183 
LEU CG  CD1  sing N N 184 
LEU CG  CD2  sing N N 185 
LEU CG  HG   sing N N 186 
LEU CD1 HD11 sing N N 187 
LEU CD1 HD12 sing N N 188 
LEU CD1 HD13 sing N N 189 
LEU CD2 HD21 sing N N 190 
LEU CD2 HD22 sing N N 191 
LEU CD2 HD23 sing N N 192 
LEU OXT HXT  sing N N 193 
LYS N   CA   sing N N 194 
LYS N   H    sing N N 195 
LYS N   H2   sing N N 196 
LYS CA  C    sing N N 197 
LYS CA  CB   sing N N 198 
LYS CA  HA   sing N N 199 
LYS C   O    doub N N 200 
LYS C   OXT  sing N N 201 
LYS CB  CG   sing N N 202 
LYS CB  HB2  sing N N 203 
LYS CB  HB3  sing N N 204 
LYS CG  CD   sing N N 205 
LYS CG  HG2  sing N N 206 
LYS CG  HG3  sing N N 207 
LYS CD  CE   sing N N 208 
LYS CD  HD2  sing N N 209 
LYS CD  HD3  sing N N 210 
LYS CE  NZ   sing N N 211 
LYS CE  HE2  sing N N 212 
LYS CE  HE3  sing N N 213 
LYS NZ  HZ1  sing N N 214 
LYS NZ  HZ2  sing N N 215 
LYS NZ  HZ3  sing N N 216 
LYS OXT HXT  sing N N 217 
MET N   CA   sing N N 218 
MET N   H    sing N N 219 
MET N   H2   sing N N 220 
MET CA  C    sing N N 221 
MET CA  CB   sing N N 222 
MET CA  HA   sing N N 223 
MET C   O    doub N N 224 
MET C   OXT  sing N N 225 
MET CB  CG   sing N N 226 
MET CB  HB2  sing N N 227 
MET CB  HB3  sing N N 228 
MET CG  SD   sing N N 229 
MET CG  HG2  sing N N 230 
MET CG  HG3  sing N N 231 
MET SD  CE   sing N N 232 
MET CE  HE1  sing N N 233 
MET CE  HE2  sing N N 234 
MET CE  HE3  sing N N 235 
MET OXT HXT  sing N N 236 
PHE N   CA   sing N N 237 
PHE N   H    sing N N 238 
PHE N   H2   sing N N 239 
PHE CA  C    sing N N 240 
PHE CA  CB   sing N N 241 
PHE CA  HA   sing N N 242 
PHE C   O    doub N N 243 
PHE C   OXT  sing N N 244 
PHE CB  CG   sing N N 245 
PHE CB  HB2  sing N N 246 
PHE CB  HB3  sing N N 247 
PHE CG  CD1  doub Y N 248 
PHE CG  CD2  sing Y N 249 
PHE CD1 CE1  sing Y N 250 
PHE CD1 HD1  sing N N 251 
PHE CD2 CE2  doub Y N 252 
PHE CD2 HD2  sing N N 253 
PHE CE1 CZ   doub Y N 254 
PHE CE1 HE1  sing N N 255 
PHE CE2 CZ   sing Y N 256 
PHE CE2 HE2  sing N N 257 
PHE CZ  HZ   sing N N 258 
PHE OXT HXT  sing N N 259 
PRO N   CA   sing N N 260 
PRO N   CD   sing N N 261 
PRO N   H    sing N N 262 
PRO CA  C    sing N N 263 
PRO CA  CB   sing N N 264 
PRO CA  HA   sing N N 265 
PRO C   O    doub N N 266 
PRO C   OXT  sing N N 267 
PRO CB  CG   sing N N 268 
PRO CB  HB2  sing N N 269 
PRO CB  HB3  sing N N 270 
PRO CG  CD   sing N N 271 
PRO CG  HG2  sing N N 272 
PRO CG  HG3  sing N N 273 
PRO CD  HD2  sing N N 274 
PRO CD  HD3  sing N N 275 
PRO OXT HXT  sing N N 276 
SER N   CA   sing N N 277 
SER N   H    sing N N 278 
SER N   H2   sing N N 279 
SER CA  C    sing N N 280 
SER CA  CB   sing N N 281 
SER CA  HA   sing N N 282 
SER C   O    doub N N 283 
SER C   OXT  sing N N 284 
SER CB  OG   sing N N 285 
SER CB  HB2  sing N N 286 
SER CB  HB3  sing N N 287 
SER OG  HG   sing N N 288 
SER OXT HXT  sing N N 289 
THR N   CA   sing N N 290 
THR N   H    sing N N 291 
THR N   H2   sing N N 292 
THR CA  C    sing N N 293 
THR CA  CB   sing N N 294 
THR CA  HA   sing N N 295 
THR C   O    doub N N 296 
THR C   OXT  sing N N 297 
THR CB  OG1  sing N N 298 
THR CB  CG2  sing N N 299 
THR CB  HB   sing N N 300 
THR OG1 HG1  sing N N 301 
THR CG2 HG21 sing N N 302 
THR CG2 HG22 sing N N 303 
THR CG2 HG23 sing N N 304 
THR OXT HXT  sing N N 305 
TRP N   CA   sing N N 306 
TRP N   H    sing N N 307 
TRP N   H2   sing N N 308 
TRP CA  C    sing N N 309 
TRP CA  CB   sing N N 310 
TRP CA  HA   sing N N 311 
TRP C   O    doub N N 312 
TRP C   OXT  sing N N 313 
TRP CB  CG   sing N N 314 
TRP CB  HB2  sing N N 315 
TRP CB  HB3  sing N N 316 
TRP CG  CD1  doub Y N 317 
TRP CG  CD2  sing Y N 318 
TRP CD1 NE1  sing Y N 319 
TRP CD1 HD1  sing N N 320 
TRP CD2 CE2  doub Y N 321 
TRP CD2 CE3  sing Y N 322 
TRP NE1 CE2  sing Y N 323 
TRP NE1 HE1  sing N N 324 
TRP CE2 CZ2  sing Y N 325 
TRP CE3 CZ3  doub Y N 326 
TRP CE3 HE3  sing N N 327 
TRP CZ2 CH2  doub Y N 328 
TRP CZ2 HZ2  sing N N 329 
TRP CZ3 CH2  sing Y N 330 
TRP CZ3 HZ3  sing N N 331 
TRP CH2 HH2  sing N N 332 
TRP OXT HXT  sing N N 333 
TYR N   CA   sing N N 334 
TYR N   H    sing N N 335 
TYR N   H2   sing N N 336 
TYR CA  C    sing N N 337 
TYR CA  CB   sing N N 338 
TYR CA  HA   sing N N 339 
TYR C   O    doub N N 340 
TYR C   OXT  sing N N 341 
TYR CB  CG   sing N N 342 
TYR CB  HB2  sing N N 343 
TYR CB  HB3  sing N N 344 
TYR CG  CD1  doub Y N 345 
TYR CG  CD2  sing Y N 346 
TYR CD1 CE1  sing Y N 347 
TYR CD1 HD1  sing N N 348 
TYR CD2 CE2  doub Y N 349 
TYR CD2 HD2  sing N N 350 
TYR CE1 CZ   doub Y N 351 
TYR CE1 HE1  sing N N 352 
TYR CE2 CZ   sing Y N 353 
TYR CE2 HE2  sing N N 354 
TYR CZ  OH   sing N N 355 
TYR OH  HH   sing N N 356 
TYR OXT HXT  sing N N 357 
VAL N   CA   sing N N 358 
VAL N   H    sing N N 359 
VAL N   H2   sing N N 360 
VAL CA  C    sing N N 361 
VAL CA  CB   sing N N 362 
VAL CA  HA   sing N N 363 
VAL C   O    doub N N 364 
VAL C   OXT  sing N N 365 
VAL CB  CG1  sing N N 366 
VAL CB  CG2  sing N N 367 
VAL CB  HB   sing N N 368 
VAL CG1 HG11 sing N N 369 
VAL CG1 HG12 sing N N 370 
VAL CG1 HG13 sing N N 371 
VAL CG2 HG21 sing N N 372 
VAL CG2 HG22 sing N N 373 
VAL CG2 HG23 sing N N 374 
VAL OXT HXT  sing N N 375 
# 
_pdbx_initial_refinement_model.id               1 
_pdbx_initial_refinement_model.entity_id_list   ? 
_pdbx_initial_refinement_model.type             'experimental model' 
_pdbx_initial_refinement_model.source_name      PDB 
_pdbx_initial_refinement_model.accession_code   1JL9 
_pdbx_initial_refinement_model.details          'PDB ENTRY 1JL9' 
# 
_atom_sites.entry_id                    3CA7 
_atom_sites.fract_transf_matrix[1][1]   0.01234137 
_atom_sites.fract_transf_matrix[1][2]   -0.00329018 
_atom_sites.fract_transf_matrix[1][3]   -0.01212131 
_atom_sites.fract_transf_matrix[2][1]   0.01362813 
_atom_sites.fract_transf_matrix[2][2]   0.02280888 
_atom_sites.fract_transf_matrix[2][3]   0.00768435 
_atom_sites.fract_transf_matrix[3][1]   0.02676150 
_atom_sites.fract_transf_matrix[3][2]   -0.02276417 
_atom_sites.fract_transf_matrix[3][3]   0.02010786 
_atom_sites.fract_transf_vector[1]      -0.113662 
_atom_sites.fract_transf_vector[2]      0.400532 
_atom_sites.fract_transf_vector[3]      0.087642 
# 
loop_
_atom_type.symbol 
C 
N 
O 
S 
# 
loop_
_atom_site.group_PDB 
_atom_site.id 
_atom_site.type_symbol 
_atom_site.label_atom_id 
_atom_site.label_alt_id 
_atom_site.label_comp_id 
_atom_site.label_asym_id 
_atom_site.label_entity_id 
_atom_site.label_seq_id 
_atom_site.pdbx_PDB_ins_code 
_atom_site.Cartn_x 
_atom_site.Cartn_y 
_atom_site.Cartn_z 
_atom_site.occupancy 
_atom_site.B_iso_or_equiv 
_atom_site.pdbx_formal_charge 
_atom_site.auth_seq_id 
_atom_site.auth_comp_id 
_atom_site.auth_asym_id 
_atom_site.auth_atom_id 
_atom_site.pdbx_PDB_model_num 
ATOM   1   N N   . THR A 1 1  ? -15.184 7.611   -5.471  1.00 28.26 ? 48  THR A N   1 
ATOM   2   C CA  . THR A 1 1  ? -14.101 7.085   -4.584  1.00 27.74 ? 48  THR A CA  1 
ATOM   3   C C   . THR A 1 1  ? -14.170 5.564   -4.544  1.00 26.59 ? 48  THR A C   1 
ATOM   4   O O   . THR A 1 1  ? -15.262 4.986   -4.488  1.00 27.34 ? 48  THR A O   1 
ATOM   5   C CB  . THR A 1 1  ? -14.210 7.681   -3.163  1.00 28.04 ? 48  THR A CB  1 
ATOM   6   O OG1 . THR A 1 1  ? -14.543 9.070   -3.266  1.00 30.24 ? 48  THR A OG1 1 
ATOM   7   C CG2 . THR A 1 1  ? -12.897 7.539   -2.397  1.00 28.38 ? 48  THR A CG2 1 
ATOM   8   N N   . PHE A 1 2  ? -13.010 4.911   -4.618  1.00 24.61 ? 49  PHE A N   1 
ATOM   9   C CA  . PHE A 1 2  ? -12.962 3.457   -4.565  1.00 22.83 ? 49  PHE A CA  1 
ATOM   10  C C   . PHE A 1 2  ? -12.878 3.034   -3.103  1.00 21.98 ? 49  PHE A C   1 
ATOM   11  O O   . PHE A 1 2  ? -12.111 3.604   -2.336  1.00 22.21 ? 49  PHE A O   1 
ATOM   12  C CB  . PHE A 1 2  ? -11.745 2.913   -5.330  1.00 22.53 ? 49  PHE A CB  1 
ATOM   13  C CG  . PHE A 1 2  ? -11.904 2.912   -6.829  1.00 21.73 ? 49  PHE A CG  1 
ATOM   14  C CD1 . PHE A 1 2  ? -11.696 4.075   -7.569  1.00 21.74 ? 49  PHE A CD1 1 
ATOM   15  C CD2 . PHE A 1 2  ? -12.221 1.746   -7.502  1.00 21.61 ? 49  PHE A CD2 1 
ATOM   16  C CE1 . PHE A 1 2  ? -11.829 4.073   -8.962  1.00 21.79 ? 49  PHE A CE1 1 
ATOM   17  C CE2 . PHE A 1 2  ? -12.356 1.724   -8.887  1.00 22.14 ? 49  PHE A CE2 1 
ATOM   18  C CZ  . PHE A 1 2  ? -12.162 2.900   -9.624  1.00 20.82 ? 49  PHE A CZ  1 
ATOM   19  N N   . PRO A 1 3  ? -13.679 2.031   -2.711  1.00 20.66 ? 50  PRO A N   1 
ATOM   20  C CA  . PRO A 1 3  ? -13.477 1.458   -1.372  1.00 20.06 ? 50  PRO A CA  1 
ATOM   21  C C   . PRO A 1 3  ? -12.101 0.800   -1.311  1.00 18.94 ? 50  PRO A C   1 
ATOM   22  O O   . PRO A 1 3  ? -11.579 0.402   -2.351  1.00 18.69 ? 50  PRO A O   1 
ATOM   23  C CB  . PRO A 1 3  ? -14.581 0.410   -1.269  1.00 19.93 ? 50  PRO A CB  1 
ATOM   24  C CG  . PRO A 1 3  ? -14.945 0.078   -2.700  1.00 21.02 ? 50  PRO A CG  1 
ATOM   25  C CD  . PRO A 1 3  ? -14.756 1.360   -3.462  1.00 20.79 ? 50  PRO A CD  1 
ATOM   26  N N   . THR A 1 4  ? -11.525 0.696   -0.116  1.00 17.76 ? 51  THR A N   1 
ATOM   27  C CA  . THR A 1 4  ? -10.211 0.071   0.038   1.00 17.06 ? 51  THR A CA  1 
ATOM   28  C C   . THR A 1 4  ? -10.339 -1.156  0.941   1.00 16.15 ? 51  THR A C   1 
ATOM   29  O O   . THR A 1 4  ? -11.197 -1.192  1.829   1.00 15.10 ? 51  THR A O   1 
ATOM   30  C CB  . THR A 1 4  ? -9.148  1.058   0.587   1.00 17.69 ? 51  THR A CB  1 
ATOM   31  O OG1 . THR A 1 4  ? -9.479  1.440   1.926   1.00 17.69 ? 51  THR A OG1 1 
ATOM   32  C CG2 . THR A 1 4  ? -9.069  2.330   -0.262  1.00 18.72 ? 51  THR A CG2 1 
ATOM   33  N N   . TYR A 1 5  ? -9.474  -2.140  0.718   1.00 15.39 ? 52  TYR A N   1 
ATOM   34  C CA  . TYR A 1 5  ? -9.504  -3.413  1.446   1.00 14.95 ? 52  TYR A CA  1 
ATOM   35  C C   . TYR A 1 5  ? -8.132  -3.798  1.986   1.00 15.71 ? 52  TYR A C   1 
ATOM   36  O O   . TYR A 1 5  ? -7.105  -3.314  1.519   1.00 14.23 ? 52  TYR A O   1 
ATOM   37  C CB  . TYR A 1 5  ? -10.026 -4.516  0.529   1.00 15.23 ? 52  TYR A CB  1 
ATOM   38  C CG  . TYR A 1 5  ? -11.386 -4.180  -0.049  1.00 15.13 ? 52  TYR A CG  1 
ATOM   39  C CD1 . TYR A 1 5  ? -11.497 -3.490  -1.249  1.00 14.67 ? 52  TYR A CD1 1 
ATOM   40  C CD2 . TYR A 1 5  ? -12.547 -4.530  0.630   1.00 15.36 ? 52  TYR A CD2 1 
ATOM   41  C CE1 . TYR A 1 5  ? -12.741 -3.162  -1.767  1.00 13.36 ? 52  TYR A CE1 1 
ATOM   42  C CE2 . TYR A 1 5  ? -13.793 -4.217  0.131   1.00 16.11 ? 52  TYR A CE2 1 
ATOM   43  C CZ  . TYR A 1 5  ? -13.880 -3.539  -1.064  1.00 15.23 ? 52  TYR A CZ  1 
ATOM   44  O OH  . TYR A 1 5  ? -15.115 -3.223  -1.572  1.00 16.52 ? 52  TYR A OH  1 
ATOM   45  N N   . LYS A 1 6  ? -8.123  -4.691  2.966   1.00 15.39 ? 53  LYS A N   1 
ATOM   46  C CA  . LYS A 1 6  ? -6.877  -5.237  3.485   1.00 16.54 ? 53  LYS A CA  1 
ATOM   47  C C   . LYS A 1 6  ? -6.131  -5.946  2.356   1.00 15.54 ? 53  LYS A C   1 
ATOM   48  O O   . LYS A 1 6  ? -6.744  -6.595  1.506   1.00 16.42 ? 53  LYS A O   1 
ATOM   49  C CB  . LYS A 1 6  ? -7.197  -6.234  4.594   1.00 16.60 ? 53  LYS A CB  1 
ATOM   50  C CG  . LYS A 1 6  ? -5.984  -6.707  5.404   1.00 18.87 ? 53  LYS A CG  1 
ATOM   51  C CD  . LYS A 1 6  ? -6.378  -7.843  6.351   1.00 20.02 ? 53  LYS A CD  1 
ATOM   52  C CE  . LYS A 1 6  ? -5.286  -8.147  7.349   1.00 25.47 ? 53  LYS A CE  1 
ATOM   53  N NZ  . LYS A 1 6  ? -5.284  -7.188  8.484   1.00 28.39 ? 53  LYS A NZ  1 
ATOM   54  N N   . CYS A 1 7  ? -4.799  -5.808  2.353   1.00 15.01 ? 54  CYS A N   1 
ATOM   55  C CA  . CYS A 1 7  ? -3.961  -6.493  1.378   1.00 14.82 ? 54  CYS A CA  1 
ATOM   56  C C   . CYS A 1 7  ? -3.781  -7.982  1.687   1.00 14.96 ? 54  CYS A C   1 
ATOM   57  O O   . CYS A 1 7  ? -3.922  -8.373  2.855   1.00 15.83 ? 54  CYS A O   1 
ATOM   58  C CB  . CYS A 1 7  ? -2.592  -5.839  1.349   1.00 14.71 ? 54  CYS A CB  1 
ATOM   59  S SG  . CYS A 1 7  ? -2.643  -4.168  0.666   1.00 15.87 ? 54  CYS A SG  1 
ATOM   60  N N   . PRO A 1 8  ? -3.445  -8.796  0.658   1.00 15.57 ? 55  PRO A N   1 
ATOM   61  C CA  . PRO A 1 8  ? -3.070  -10.188 0.939   1.00 15.65 ? 55  PRO A CA  1 
ATOM   62  C C   . PRO A 1 8  ? -1.862  -10.203 1.865   1.00 15.41 ? 55  PRO A C   1 
ATOM   63  O O   . PRO A 1 8  ? -1.154  -9.204  1.987   1.00 14.93 ? 55  PRO A O   1 
ATOM   64  C CB  . PRO A 1 8  ? -2.671  -10.747 -0.430  1.00 16.43 ? 55  PRO A CB  1 
ATOM   65  C CG  . PRO A 1 8  ? -3.281  -9.837  -1.441  1.00 17.24 ? 55  PRO A CG  1 
ATOM   66  C CD  . PRO A 1 8  ? -3.314  -8.482  -0.777  1.00 16.24 ? 55  PRO A CD  1 
ATOM   67  N N   . GLU A 1 9  ? -1.620  -11.344 2.504   1.00 15.08 ? 56  GLU A N   1 
ATOM   68  C CA  . GLU A 1 9  ? -0.651  -11.372 3.596   1.00 15.48 ? 56  GLU A CA  1 
ATOM   69  C C   . GLU A 1 9  ? 0.781   -11.021 3.205   1.00 14.13 ? 56  GLU A C   1 
ATOM   70  O O   . GLU A 1 9  ? 1.445   -10.325 3.960   1.00 13.77 ? 56  GLU A O   1 
ATOM   71  C CB  . GLU A 1 9  ? -0.685  -12.708 4.344   1.00 15.58 ? 56  GLU A CB  1 
ATOM   72  C CG  . GLU A 1 9  ? -1.939  -12.867 5.224   1.00 17.41 ? 56  GLU A CG  1 
ATOM   73  C CD  . GLU A 1 9  ? -1.928  -14.120 6.094   1.00 18.58 ? 56  GLU A CD  1 
ATOM   74  O OE1 . GLU A 1 9  ? -0.963  -14.906 6.009   1.00 22.43 ? 56  GLU A OE1 1 
ATOM   75  O OE2 . GLU A 1 9  ? -2.892  -14.312 6.869   1.00 24.32 ? 56  GLU A OE2 1 
ATOM   76  N N   . THR A 1 10 ? 1.258   -11.482 2.055   1.00 13.72 ? 57  THR A N   1 
ATOM   77  C CA  A THR A 1 10 ? 2.627   -11.173 1.669   0.50 13.99 ? 57  THR A CA  1 
ATOM   78  C CA  B THR A 1 10 ? 2.639   -11.162 1.660   0.50 13.54 ? 57  THR A CA  1 
ATOM   79  C C   . THR A 1 10 ? 2.825   -9.665  1.484   1.00 13.62 ? 57  THR A C   1 
ATOM   80  O O   . THR A 1 10 ? 3.816   -9.107  1.946   1.00 13.91 ? 57  THR A O   1 
ATOM   81  C CB  A THR A 1 10 ? 3.041   -11.954 0.430   0.50 14.48 ? 57  THR A CB  1 
ATOM   82  C CB  B THR A 1 10 ? 3.124   -11.883 0.384   0.50 13.97 ? 57  THR A CB  1 
ATOM   83  O OG1 A THR A 1 10 ? 2.918   -13.350 0.718   0.50 15.37 ? 57  THR A OG1 1 
ATOM   84  O OG1 B THR A 1 10 ? 2.159   -11.750 -0.666  0.50 12.61 ? 57  THR A OG1 1 
ATOM   85  C CG2 A THR A 1 10 ? 4.482   -11.650 0.067   0.50 15.32 ? 57  THR A CG2 1 
ATOM   86  C CG2 B THR A 1 10 ? 3.390   -13.344 0.667   0.50 14.38 ? 57  THR A CG2 1 
ATOM   87  N N   . PHE A 1 11 ? 1.865   -9.021  0.816   1.00 13.42 ? 58  PHE A N   1 
ATOM   88  C CA  . PHE A 1 11 ? 1.885   -7.580  0.647   1.00 13.46 ? 58  PHE A CA  1 
ATOM   89  C C   . PHE A 1 11 ? 1.778   -6.848  1.977   1.00 13.28 ? 58  PHE A C   1 
ATOM   90  O O   . PHE A 1 11 ? 2.536   -5.916  2.250   1.00 12.66 ? 58  PHE A O   1 
ATOM   91  C CB  . PHE A 1 11 ? 0.736   -7.134  -0.254  1.00 12.96 ? 58  PHE A CB  1 
ATOM   92  C CG  . PHE A 1 11 ? 1.009   -7.279  -1.724  1.00 14.06 ? 58  PHE A CG  1 
ATOM   93  C CD1 . PHE A 1 11 ? 0.641   -8.440  -2.406  1.00 14.52 ? 58  PHE A CD1 1 
ATOM   94  C CD2 . PHE A 1 11 ? 1.591   -6.236  -2.446  1.00 15.06 ? 58  PHE A CD2 1 
ATOM   95  C CE1 . PHE A 1 11 ? 0.873   -8.574  -3.786  1.00 16.98 ? 58  PHE A CE1 1 
ATOM   96  C CE2 . PHE A 1 11 ? 1.841   -6.363  -3.841  1.00 16.12 ? 58  PHE A CE2 1 
ATOM   97  C CZ  . PHE A 1 11 ? 1.461   -7.519  -4.501  1.00 17.18 ? 58  PHE A CZ  1 
ATOM   98  N N   . ASP A 1 12 ? 0.831   -7.280  2.811   1.00 12.65 ? 59  ASP A N   1 
ATOM   99  C CA  . ASP A 1 12 ? 0.616   -6.648  4.105   1.00 13.39 ? 59  ASP A CA  1 
ATOM   100 C C   . ASP A 1 12 ? 1.852   -6.718  4.988   1.00 12.98 ? 59  ASP A C   1 
ATOM   101 O O   . ASP A 1 12 ? 2.151   -5.790  5.714   1.00 14.37 ? 59  ASP A O   1 
ATOM   102 C CB  . ASP A 1 12 ? -0.574  -7.304  4.808   1.00 13.61 ? 59  ASP A CB  1 
ATOM   103 C CG  . ASP A 1 12 ? -1.342  -6.340  5.692   1.00 16.91 ? 59  ASP A CG  1 
ATOM   104 O OD1 . ASP A 1 12 ? -1.419  -5.126  5.382   1.00 18.33 ? 59  ASP A OD1 1 
ATOM   105 O OD2 . ASP A 1 12 ? -1.919  -6.817  6.692   1.00 22.44 ? 59  ASP A OD2 1 
ATOM   106 N N   . ALA A 1 13 ? 2.581   -7.827  4.887   1.00 12.95 ? 60  ALA A N   1 
ATOM   107 C CA  . ALA A 1 13 ? 3.800   -8.019  5.657   1.00 12.91 ? 60  ALA A CA  1 
ATOM   108 C C   . ALA A 1 13 ? 4.954   -7.189  5.134   1.00 12.28 ? 60  ALA A C   1 
ATOM   109 O O   . ALA A 1 13 ? 5.643   -6.523  5.912   1.00 13.28 ? 60  ALA A O   1 
ATOM   110 C CB  . ALA A 1 13 ? 4.180   -9.471  5.650   1.00 13.14 ? 60  ALA A CB  1 
ATOM   111 N N   . TRP A 1 14 ? 5.193   -7.234  3.826   1.00 12.11 ? 61  TRP A N   1 
ATOM   112 C CA  . TRP A 1 14 ? 6.503   -6.780  3.321   1.00 11.90 ? 61  TRP A CA  1 
ATOM   113 C C   . TRP A 1 14 ? 6.517   -5.619  2.345   1.00 10.83 ? 61  TRP A C   1 
ATOM   114 O O   . TRP A 1 14 ? 7.567   -5.010  2.145   1.00 11.18 ? 61  TRP A O   1 
ATOM   115 C CB  . TRP A 1 14 ? 7.237   -7.942  2.675   1.00 14.00 ? 61  TRP A CB  1 
ATOM   116 C CG  . TRP A 1 14 ? 7.564   -9.042  3.632   1.00 15.56 ? 61  TRP A CG  1 
ATOM   117 C CD1 . TRP A 1 14 ? 7.870   -8.927  4.963   1.00 17.38 ? 61  TRP A CD1 1 
ATOM   118 C CD2 . TRP A 1 14 ? 7.668   -10.415 3.308   1.00 17.35 ? 61  TRP A CD2 1 
ATOM   119 N NE1 . TRP A 1 14 ? 8.124   -10.163 5.492   1.00 18.38 ? 61  TRP A NE1 1 
ATOM   120 C CE2 . TRP A 1 14 ? 8.017   -11.098 4.496   1.00 17.33 ? 61  TRP A CE2 1 
ATOM   121 C CE3 . TRP A 1 14 ? 7.499   -11.142 2.129   1.00 19.07 ? 61  TRP A CE3 1 
ATOM   122 C CZ2 . TRP A 1 14 ? 8.204   -12.488 4.533   1.00 19.06 ? 61  TRP A CZ2 1 
ATOM   123 C CZ3 . TRP A 1 14 ? 7.681   -12.524 2.168   1.00 18.99 ? 61  TRP A CZ3 1 
ATOM   124 C CH2 . TRP A 1 14 ? 8.027   -13.179 3.365   1.00 18.65 ? 61  TRP A CH2 1 
ATOM   125 N N   . TYR A 1 15 ? 5.389   -5.322  1.706   1.00 10.38 ? 62  TYR A N   1 
ATOM   126 C CA  . TYR A 1 15 ? 5.408   -4.364  0.585   1.00 10.20 ? 62  TYR A CA  1 
ATOM   127 C C   . TYR A 1 15 ? 5.652   -2.905  0.982   1.00 10.12 ? 62  TYR A C   1 
ATOM   128 O O   . TYR A 1 15 ? 6.479   -2.224  0.386   1.00 11.25 ? 62  TYR A O   1 
ATOM   129 C CB  . TYR A 1 15 ? 4.085   -4.441  -0.167  1.00 10.66 ? 62  TYR A CB  1 
ATOM   130 C CG  . TYR A 1 15 ? 4.056   -3.770  -1.521  1.00 10.51 ? 62  TYR A CG  1 
ATOM   131 C CD1 . TYR A 1 15 ? 4.951   -4.116  -2.525  1.00 11.64 ? 62  TYR A CD1 1 
ATOM   132 C CD2 . TYR A 1 15 ? 3.066   -2.829  -1.821  1.00 12.06 ? 62  TYR A CD2 1 
ATOM   133 C CE1 . TYR A 1 15 ? 4.889   -3.526  -3.777  1.00 11.07 ? 62  TYR A CE1 1 
ATOM   134 C CE2 . TYR A 1 15 ? 2.987   -2.242  -3.065  1.00 11.50 ? 62  TYR A CE2 1 
ATOM   135 C CZ  . TYR A 1 15 ? 3.905   -2.584  -4.043  1.00 11.44 ? 62  TYR A CZ  1 
ATOM   136 O OH  . TYR A 1 15 ? 3.819   -2.004  -5.284  1.00 12.87 ? 62  TYR A OH  1 
ATOM   137 N N   . CYS A 1 16 ? 4.948   -2.438  1.997   1.00 9.85  ? 63  CYS A N   1 
ATOM   138 C CA  . CYS A 1 16 ? 4.980   -1.032  2.360   1.00 10.73 ? 63  CYS A CA  1 
ATOM   139 C C   . CYS A 1 16 ? 5.929   -0.815  3.489   1.00 10.82 ? 63  CYS A C   1 
ATOM   140 O O   . CYS A 1 16 ? 5.917   -1.566  4.464   1.00 10.29 ? 63  CYS A O   1 
ATOM   141 C CB  . CYS A 1 16 ? 3.587   -0.537  2.731   1.00 10.55 ? 63  CYS A CB  1 
ATOM   142 S SG  . CYS A 1 16 ? 2.367   -0.795  1.409   1.00 11.79 ? 63  CYS A SG  1 
ATOM   143 N N   . LEU A 1 17 ? 6.760   0.206   3.345   1.00 11.30 ? 64  LEU A N   1 
ATOM   144 C CA  . LEU A 1 17 ? 7.896   0.402   4.244   1.00 11.84 ? 64  LEU A CA  1 
ATOM   145 C C   . LEU A 1 17 ? 7.729   1.611   5.143   1.00 12.20 ? 64  LEU A C   1 
ATOM   146 O O   . LEU A 1 17 ? 6.830   2.442   4.942   1.00 12.66 ? 64  LEU A O   1 
ATOM   147 C CB  . LEU A 1 17 ? 9.181   0.544   3.425   1.00 11.85 ? 64  LEU A CB  1 
ATOM   148 C CG  . LEU A 1 17 ? 9.425   -0.620  2.441   1.00 10.48 ? 64  LEU A CG  1 
ATOM   149 C CD1 . LEU A 1 17 ? 10.681  -0.381  1.636   1.00 12.25 ? 64  LEU A CD1 1 
ATOM   150 C CD2 . LEU A 1 17 ? 9.482   -1.982  3.141   1.00 11.49 ? 64  LEU A CD2 1 
ATOM   151 N N   . ASN A 1 18 ? 8.608   1.710   6.139   1.00 12.66 ? 65  ASN A N   1 
ATOM   152 C CA  . ASN A 1 18 ? 8.656   2.893   7.000   1.00 14.17 ? 65  ASN A CA  1 
ATOM   153 C C   . ASN A 1 18 ? 7.326   3.182   7.664   1.00 14.68 ? 65  ASN A C   1 
ATOM   154 O O   . ASN A 1 18 ? 6.914   4.348   7.753   1.00 14.85 ? 65  ASN A O   1 
ATOM   155 C CB  . ASN A 1 18 ? 9.160   4.095   6.207   1.00 14.87 ? 65  ASN A CB  1 
ATOM   156 C CG  . ASN A 1 18 ? 10.606  3.925   5.779   1.00 16.52 ? 65  ASN A CG  1 
ATOM   157 O OD1 . ASN A 1 18 ? 11.482  3.670   6.615   1.00 19.94 ? 65  ASN A OD1 1 
ATOM   158 N ND2 . ASN A 1 18 ? 10.858  4.013   4.479   1.00 18.22 ? 65  ASN A ND2 1 
ATOM   159 N N   . ASP A 1 19 ? 6.686   2.118   8.153   1.00 14.73 ? 66  ASP A N   1 
ATOM   160 C CA  . ASP A 1 19 ? 5.437   2.202   8.928   1.00 14.77 ? 66  ASP A CA  1 
ATOM   161 C C   . ASP A 1 19 ? 4.234   2.594   8.064   1.00 14.58 ? 66  ASP A C   1 
ATOM   162 O O   . ASP A 1 19 ? 3.177   2.940   8.578   1.00 14.80 ? 66  ASP A O   1 
ATOM   163 C CB  . ASP A 1 19 ? 5.590   3.137   10.143  1.00 15.62 ? 66  ASP A CB  1 
ATOM   164 C CG  . ASP A 1 19 ? 6.730   2.721   11.047  1.00 18.53 ? 66  ASP A CG  1 
ATOM   165 O OD1 . ASP A 1 19 ? 6.660   1.596   11.576  1.00 22.80 ? 66  ASP A OD1 1 
ATOM   166 O OD2 . ASP A 1 19 ? 7.681   3.511   11.215  1.00 22.61 ? 66  ASP A OD2 1 
ATOM   167 N N   . ALA A 1 20 ? 4.391   2.509   6.747   1.00 13.66 ? 67  ALA A N   1 
ATOM   168 C CA  . ALA A 1 20 ? 3.263   2.687   5.834   1.00 13.91 ? 67  ALA A CA  1 
ATOM   169 C C   . ALA A 1 20 ? 2.271   1.526   5.938   1.00 14.31 ? 67  ALA A C   1 
ATOM   170 O O   . ALA A 1 20 ? 2.632   0.422   6.393   1.00 14.19 ? 67  ALA A O   1 
ATOM   171 C CB  . ALA A 1 20 ? 3.759   2.822   4.403   1.00 13.70 ? 67  ALA A CB  1 
ATOM   172 N N   . HIS A 1 21 ? 1.036   1.768   5.493   1.00 14.80 ? 68  HIS A N   1 
ATOM   173 C CA  . HIS A 1 21 ? -0.031  0.765   5.495   1.00 16.62 ? 68  HIS A CA  1 
ATOM   174 C C   . HIS A 1 21 ? -0.437  0.376   4.082   1.00 15.71 ? 68  HIS A C   1 
ATOM   175 O O   . HIS A 1 21 ? -0.667  1.239   3.228   1.00 15.50 ? 68  HIS A O   1 
ATOM   176 C CB  . HIS A 1 21 ? -1.260  1.308   6.218   1.00 18.06 ? 68  HIS A CB  1 
ATOM   177 C CG  . HIS A 1 21 ? -1.021  1.634   7.657   1.00 22.10 ? 68  HIS A CG  1 
ATOM   178 N ND1 . HIS A 1 21 ? -0.910  0.667   8.635   1.00 27.30 ? 68  HIS A ND1 1 
ATOM   179 C CD2 . HIS A 1 21 ? -0.888  2.824   8.287   1.00 25.25 ? 68  HIS A CD2 1 
ATOM   180 C CE1 . HIS A 1 21 ? -0.709  1.251   9.804   1.00 27.29 ? 68  HIS A CE1 1 
ATOM   181 N NE2 . HIS A 1 21 ? -0.690  2.559   9.621   1.00 26.75 ? 68  HIS A NE2 1 
ATOM   182 N N   . CYS A 1 22 ? -0.523  -0.925  3.832   1.00 15.01 ? 69  CYS A N   1 
ATOM   183 C CA  . CYS A 1 22 ? -0.914  -1.435  2.527   1.00 14.47 ? 69  CYS A CA  1 
ATOM   184 C C   . CYS A 1 22 ? -2.425  -1.375  2.416   1.00 14.15 ? 69  CYS A C   1 
ATOM   185 O O   . CYS A 1 22 ? -3.122  -1.692  3.371   1.00 13.18 ? 69  CYS A O   1 
ATOM   186 C CB  . CYS A 1 22 ? -0.452  -2.896  2.360   1.00 14.99 ? 69  CYS A CB  1 
ATOM   187 S SG  . CYS A 1 22 ? -0.671  -3.593  0.718   1.00 17.74 ? 69  CYS A SG  1 
ATOM   188 N N   . PHE A 1 23 ? -2.917  -0.970  1.250   1.00 13.38 ? 70  PHE A N   1 
ATOM   189 C CA  . PHE A 1 23 ? -4.337  -1.071  0.957   1.00 13.20 ? 70  PHE A CA  1 
ATOM   190 C C   . PHE A 1 23 ? -4.595  -1.500  -0.472  1.00 13.49 ? 70  PHE A C   1 
ATOM   191 O O   . PHE A 1 23 ? -3.812  -1.191  -1.386  1.00 12.74 ? 70  PHE A O   1 
ATOM   192 C CB  . PHE A 1 23 ? -5.089  0.226   1.284   1.00 14.03 ? 70  PHE A CB  1 
ATOM   193 C CG  . PHE A 1 23 ? -4.747  1.381   0.378   1.00 13.40 ? 70  PHE A CG  1 
ATOM   194 C CD1 . PHE A 1 23 ? -5.516  1.673   -0.740  1.00 15.34 ? 70  PHE A CD1 1 
ATOM   195 C CD2 . PHE A 1 23 ? -3.647  2.176   0.648   1.00 15.09 ? 70  PHE A CD2 1 
ATOM   196 C CE1 . PHE A 1 23 ? -5.198  2.751   -1.561  1.00 16.20 ? 70  PHE A CE1 1 
ATOM   197 C CE2 . PHE A 1 23 ? -3.315  3.248   -0.173  1.00 15.77 ? 70  PHE A CE2 1 
ATOM   198 C CZ  . PHE A 1 23 ? -4.098  3.535   -1.274  1.00 15.73 ? 70  PHE A CZ  1 
ATOM   199 N N   . ALA A 1 24 ? -5.707  -2.198  -0.653  1.00 12.84 ? 71  ALA A N   1 
ATOM   200 C CA  . ALA A 1 24 ? -6.121  -2.730  -1.948  1.00 13.80 ? 71  ALA A CA  1 
ATOM   201 C C   . ALA A 1 24 ? -7.362  -2.037  -2.486  1.00 15.02 ? 71  ALA A C   1 
ATOM   202 O O   . ALA A 1 24 ? -8.285  -1.707  -1.739  1.00 14.93 ? 71  ALA A O   1 
ATOM   203 C CB  . ALA A 1 24 ? -6.391  -4.216  -1.838  1.00 14.66 ? 71  ALA A CB  1 
ATOM   204 N N   . VAL A 1 25 ? -7.373  -1.839  -3.795  1.00 15.26 ? 72  VAL A N   1 
ATOM   205 C CA  . VAL A 1 25 ? -8.601  -1.492  -4.513  1.00 16.27 ? 72  VAL A CA  1 
ATOM   206 C C   . VAL A 1 25 ? -8.818  -2.496  -5.639  1.00 16.90 ? 72  VAL A C   1 
ATOM   207 O O   . VAL A 1 25 ? -7.891  -3.213  -6.045  1.00 17.73 ? 72  VAL A O   1 
ATOM   208 C CB  . VAL A 1 25 ? -8.571  -0.034  -5.069  1.00 15.83 ? 72  VAL A CB  1 
ATOM   209 C CG1 . VAL A 1 25 ? -8.392  0.990   -3.941  1.00 16.13 ? 72  VAL A CG1 1 
ATOM   210 C CG2 . VAL A 1 25 ? -7.466  0.130   -6.114  1.00 15.44 ? 72  VAL A CG2 1 
ATOM   211 N N   . LYS A 1 26 ? -10.043 -2.570  -6.158  1.00 17.17 ? 73  LYS A N   1 
ATOM   212 C CA  . LYS A 1 26 ? -10.298 -3.391  -7.327  1.00 18.80 ? 73  LYS A CA  1 
ATOM   213 C C   . LYS A 1 26 ? -10.778 -2.453  -8.426  1.00 17.88 ? 73  LYS A C   1 
ATOM   214 O O   . LYS A 1 26 ? -11.746 -1.712  -8.229  1.00 18.94 ? 73  LYS A O   1 
ATOM   215 C CB  . LYS A 1 26 ? -11.319 -4.510  -7.053  1.00 18.16 ? 73  LYS A CB  1 
ATOM   216 C CG  . LYS A 1 26 ? -11.568 -5.405  -8.280  1.00 20.84 ? 73  LYS A CG  1 
ATOM   217 C CD  . LYS A 1 26 ? -12.427 -6.633  -7.981  1.00 21.60 ? 73  LYS A CD  1 
ATOM   218 C CE  . LYS A 1 26 ? -11.629 -7.721  -7.289  1.00 26.31 ? 73  LYS A CE  1 
ATOM   219 N NZ  . LYS A 1 26 ? -12.436 -8.963  -7.171  1.00 29.00 ? 73  LYS A NZ  1 
ATOM   220 N N   . ILE A 1 27 ? -10.043 -2.449  -9.534  1.00 17.30 ? 74  ILE A N   1 
ATOM   221 C CA  . ILE A 1 27 ? -10.363 -1.615  -10.707 1.00 17.20 ? 74  ILE A CA  1 
ATOM   222 C C   . ILE A 1 27 ? -10.635 -2.529  -11.901 1.00 18.58 ? 74  ILE A C   1 
ATOM   223 O O   . ILE A 1 27 ? -9.748  -3.259  -12.341 1.00 18.73 ? 74  ILE A O   1 
ATOM   224 C CB  . ILE A 1 27 ? -9.181  -0.683  -11.046 1.00 17.02 ? 74  ILE A CB  1 
ATOM   225 C CG1 . ILE A 1 27 ? -8.776  0.124   -9.811  1.00 16.21 ? 74  ILE A CG1 1 
ATOM   226 C CG2 . ILE A 1 27 ? -9.543  0.224   -12.236 1.00 15.87 ? 74  ILE A CG2 1 
ATOM   227 C CD1 . ILE A 1 27 ? -7.501  0.893   -9.933  1.00 19.03 ? 74  ILE A CD1 1 
ATOM   228 N N   . ALA A 1 28 ? -11.863 -2.490  -12.429 1.00 19.71 ? 75  ALA A N   1 
ATOM   229 C CA  . ALA A 1 28 ? -12.274 -3.377  -13.531 1.00 20.97 ? 75  ALA A CA  1 
ATOM   230 C C   . ALA A 1 28 ? -11.836 -4.837  -13.291 1.00 21.44 ? 75  ALA A C   1 
ATOM   231 O O   . ALA A 1 28 ? -11.206 -5.461  -14.152 1.00 22.34 ? 75  ALA A O   1 
ATOM   232 C CB  . ALA A 1 28 ? -11.761 -2.870  -14.875 1.00 21.26 ? 75  ALA A CB  1 
ATOM   233 N N   . ASP A 1 29 ? -12.182 -5.343  -12.110 1.00 22.51 ? 76  ASP A N   1 
ATOM   234 C CA  . ASP A 1 29 ? -11.900 -6.733  -11.693 1.00 23.23 ? 76  ASP A CA  1 
ATOM   235 C C   . ASP A 1 29 ? -10.453 -7.066  -11.338 1.00 22.82 ? 76  ASP A C   1 
ATOM   236 O O   . ASP A 1 29 ? -10.134 -8.233  -11.080 1.00 23.42 ? 76  ASP A O   1 
ATOM   237 C CB  . ASP A 1 29 ? -12.424 -7.751  -12.714 1.00 24.29 ? 76  ASP A CB  1 
ATOM   238 C CG  . ASP A 1 29 ? -13.927 -7.955  -12.618 1.00 26.46 ? 76  ASP A CG  1 
ATOM   239 O OD1 . ASP A 1 29 ? -14.491 -7.785  -11.509 1.00 30.41 ? 76  ASP A OD1 1 
ATOM   240 O OD2 . ASP A 1 29 ? -14.537 -8.296  -13.655 1.00 31.73 ? 76  ASP A OD2 1 
ATOM   241 N N   . LEU A 1 30 ? -9.593  -6.054  -11.293 1.00 21.75 ? 77  LEU A N   1 
ATOM   242 C CA  . LEU A 1 30 ? -8.182  -6.266  -10.975 1.00 20.73 ? 77  LEU A CA  1 
ATOM   243 C C   . LEU A 1 30 ? -7.782  -5.608  -9.657  1.00 19.25 ? 77  LEU A C   1 
ATOM   244 O O   . LEU A 1 30 ? -7.973  -4.415  -9.459  1.00 18.06 ? 77  LEU A O   1 
ATOM   245 C CB  . LEU A 1 30 ? -7.283  -5.786  -12.109 1.00 20.41 ? 77  LEU A CB  1 
ATOM   246 C CG  . LEU A 1 30 ? -5.793  -6.095  -11.912 1.00 21.73 ? 77  LEU A CG  1 
ATOM   247 C CD1 . LEU A 1 30 ? -5.504  -7.563  -12.264 1.00 23.00 ? 77  LEU A CD1 1 
ATOM   248 C CD2 . LEU A 1 30 ? -4.946  -5.156  -12.731 1.00 22.21 ? 77  LEU A CD2 1 
ATOM   249 N N   . PRO A 1 31 ? -7.202  -6.394  -8.741  1.00 17.94 ? 78  PRO A N   1 
ATOM   250 C CA  . PRO A 1 31 ? -6.674  -5.831  -7.507  1.00 16.70 ? 78  PRO A CA  1 
ATOM   251 C C   . PRO A 1 31 ? -5.424  -4.990  -7.765  1.00 15.29 ? 78  PRO A C   1 
ATOM   252 O O   . PRO A 1 31 ? -4.545  -5.420  -8.502  1.00 15.35 ? 78  PRO A O   1 
ATOM   253 C CB  . PRO A 1 31 ? -6.320  -7.083  -6.681  1.00 16.91 ? 78  PRO A CB  1 
ATOM   254 C CG  . PRO A 1 31 ? -7.073  -8.222  -7.364  1.00 18.91 ? 78  PRO A CG  1 
ATOM   255 C CD  . PRO A 1 31 ? -7.045  -7.860  -8.794  1.00 18.14 ? 78  PRO A CD  1 
ATOM   256 N N   . VAL A 1 32 ? -5.382  -3.791  -7.188  1.00 13.58 ? 79  VAL A N   1 
ATOM   257 C CA  . VAL A 1 32 ? -4.201  -2.942  -7.262  1.00 13.31 ? 79  VAL A CA  1 
ATOM   258 C C   . VAL A 1 32 ? -3.819  -2.608  -5.837  1.00 13.27 ? 79  VAL A C   1 
ATOM   259 O O   . VAL A 1 32 ? -4.648  -2.095  -5.069  1.00 13.73 ? 79  VAL A O   1 
ATOM   260 C CB  . VAL A 1 32 ? -4.471  -1.659  -8.089  1.00 12.91 ? 79  VAL A CB  1 
ATOM   261 C CG1 . VAL A 1 32 ? -3.248  -0.722  -8.064  1.00 13.00 ? 79  VAL A CG1 1 
ATOM   262 C CG2 . VAL A 1 32 ? -4.814  -2.034  -9.523  1.00 13.66 ? 79  VAL A CG2 1 
ATOM   263 N N   . TYR A 1 33 ? -2.582  -2.941  -5.459  1.00 12.61 ? 80  TYR A N   1 
ATOM   264 C CA  . TYR A 1 33 ? -2.099  -2.707  -4.102  1.00 13.03 ? 80  TYR A CA  1 
ATOM   265 C C   . TYR A 1 33 ? -1.233  -1.459  -4.026  1.00 12.82 ? 80  TYR A C   1 
ATOM   266 O O   . TYR A 1 33 ? -0.438  -1.187  -4.933  1.00 13.16 ? 80  TYR A O   1 
ATOM   267 C CB  . TYR A 1 33 ? -1.338  -3.922  -3.600  1.00 13.77 ? 80  TYR A CB  1 
ATOM   268 C CG  . TYR A 1 33 ? -2.119  -5.180  -3.829  1.00 15.10 ? 80  TYR A CG  1 
ATOM   269 C CD1 . TYR A 1 33 ? -1.668  -6.158  -4.712  1.00 17.41 ? 80  TYR A CD1 1 
ATOM   270 C CD2 . TYR A 1 33 ? -3.359  -5.371  -3.210  1.00 15.60 ? 80  TYR A CD2 1 
ATOM   271 C CE1 . TYR A 1 33 ? -2.406  -7.321  -4.946  1.00 16.89 ? 80  TYR A CE1 1 
ATOM   272 C CE2 . TYR A 1 33 ? -4.097  -6.523  -3.434  1.00 16.65 ? 80  TYR A CE2 1 
ATOM   273 C CZ  . TYR A 1 33 ? -3.626  -7.494  -4.294  1.00 16.21 ? 80  TYR A CZ  1 
ATOM   274 O OH  . TYR A 1 33 ? -4.376  -8.637  -4.509  1.00 18.20 ? 80  TYR A OH  1 
ATOM   275 N N   . SER A 1 34 ? -1.417  -0.697  -2.960  1.00 12.83 ? 81  SER A N   1 
ATOM   276 C CA  . SER A 1 34 ? -0.786  0.604   -2.797  1.00 13.38 ? 81  SER A CA  1 
ATOM   277 C C   . SER A 1 34 ? -0.367  0.775   -1.352  1.00 12.90 ? 81  SER A C   1 
ATOM   278 O O   . SER A 1 34 ? -0.834  0.034   -0.482  1.00 12.33 ? 81  SER A O   1 
ATOM   279 C CB  . SER A 1 34 ? -1.763  1.729   -3.190  1.00 14.42 ? 81  SER A CB  1 
ATOM   280 O OG  . SER A 1 34 ? -2.284  1.559   -4.499  1.00 17.86 ? 81  SER A OG  1 
ATOM   281 N N   . CYS A 1 35 ? 0.482   1.771   -1.102  1.00 12.54 ? 82  CYS A N   1 
ATOM   282 C CA  . CYS A 1 35 ? 0.964   2.077   0.247   1.00 12.45 ? 82  CYS A CA  1 
ATOM   283 C C   . CYS A 1 35 ? 0.562   3.479   0.625   1.00 13.90 ? 82  CYS A C   1 
ATOM   284 O O   . CYS A 1 35 ? 0.823   4.417   -0.122  1.00 14.61 ? 82  CYS A O   1 
ATOM   285 C CB  . CYS A 1 35 ? 2.499   1.954   0.344   1.00 12.99 ? 82  CYS A CB  1 
ATOM   286 S SG  . CYS A 1 35 ? 3.087   0.318   -0.110  1.00 12.40 ? 82  CYS A SG  1 
ATOM   287 N N   . GLU A 1 36 ? -0.062  3.597   1.789   1.00 13.74 ? 83  GLU A N   1 
ATOM   288 C CA  . GLU A 1 36 ? -0.329  4.886   2.422   1.00 15.10 ? 83  GLU A CA  1 
ATOM   289 C C   . GLU A 1 36 ? 0.847   5.198   3.326   1.00 14.72 ? 83  GLU A C   1 
ATOM   290 O O   . GLU A 1 36 ? 1.035   4.551   4.349   1.00 14.08 ? 83  GLU A O   1 
ATOM   291 C CB  . GLU A 1 36 ? -1.617  4.811   3.222   1.00 16.36 ? 83  GLU A CB  1 
ATOM   292 C CG  . GLU A 1 36 ? -2.192  6.154   3.638   1.00 22.02 ? 83  GLU A CG  1 
ATOM   293 C CD  . GLU A 1 36 ? -3.605  5.999   4.166   1.00 27.93 ? 83  GLU A CD  1 
ATOM   294 O OE1 . GLU A 1 36 ? -3.763  5.911   5.402   1.00 32.21 ? 83  GLU A OE1 1 
ATOM   295 O OE2 . GLU A 1 36 ? -4.552  5.915   3.346   1.00 31.71 ? 83  GLU A OE2 1 
ATOM   296 N N   . CYS A 1 37 ? 1.672   6.154   2.920   1.00 15.17 ? 84  CYS A N   1 
ATOM   297 C CA  . CYS A 1 37 ? 2.901   6.443   3.660   1.00 15.17 ? 84  CYS A CA  1 
ATOM   298 C C   . CYS A 1 37 ? 2.643   7.180   4.963   1.00 15.21 ? 84  CYS A C   1 
ATOM   299 O O   . CYS A 1 37 ? 1.703   7.987   5.049   1.00 15.64 ? 84  CYS A O   1 
ATOM   300 C CB  . CYS A 1 37 ? 3.854   7.287   2.813   1.00 15.60 ? 84  CYS A CB  1 
ATOM   301 S SG  . CYS A 1 37 ? 4.196   6.609   1.170   1.00 16.46 ? 84  CYS A SG  1 
ATOM   302 N N   . ALA A 1 38 ? 3.484   6.909   5.963   1.00 14.97 ? 85  ALA A N   1 
ATOM   303 C CA  . ALA A 1 38 ? 3.615   7.772   7.132   1.00 15.20 ? 85  ALA A CA  1 
ATOM   304 C C   . ALA A 1 38 ? 4.134   9.122   6.646   1.00 15.40 ? 85  ALA A C   1 
ATOM   305 O O   . ALA A 1 38 ? 4.755   9.214   5.574   1.00 16.01 ? 85  ALA A O   1 
ATOM   306 C CB  . ALA A 1 38 ? 4.599   7.171   8.115   1.00 14.60 ? 85  ALA A CB  1 
ATOM   307 N N   . ILE A 1 39 ? 3.867   10.181  7.402   1.00 15.27 ? 86  ILE A N   1 
ATOM   308 C CA  . ILE A 1 39 ? 4.387   11.504  7.049   1.00 16.74 ? 86  ILE A CA  1 
ATOM   309 C C   . ILE A 1 39 ? 5.912   11.460  6.957   1.00 17.15 ? 86  ILE A C   1 
ATOM   310 O O   . ILE A 1 39 ? 6.568   10.843  7.798   1.00 18.03 ? 86  ILE A O   1 
ATOM   311 C CB  . ILE A 1 39 ? 3.942   12.561  8.090   1.00 16.76 ? 86  ILE A CB  1 
ATOM   312 C CG1 . ILE A 1 39 ? 2.425   12.739  8.030   1.00 17.05 ? 86  ILE A CG1 1 
ATOM   313 C CG2 . ILE A 1 39 ? 4.692   13.878  7.889   1.00 17.91 ? 86  ILE A CG2 1 
ATOM   314 C CD1 . ILE A 1 39 ? 1.857   13.517  9.218   1.00 18.92 ? 86  ILE A CD1 1 
ATOM   315 N N   . GLY A 1 40 ? 6.455   12.068  5.907   1.00 18.51 ? 87  GLY A N   1 
ATOM   316 C CA  . GLY A 1 40 ? 7.890   12.152  5.717   1.00 19.43 ? 87  GLY A CA  1 
ATOM   317 C C   . GLY A 1 40 ? 8.436   11.101  4.772   1.00 19.85 ? 87  GLY A C   1 
ATOM   318 O O   . GLY A 1 40 ? 9.643   11.061  4.521   1.00 20.23 ? 87  GLY A O   1 
ATOM   319 N N   . PHE A 1 41 ? 7.552   10.250  4.253   1.00 19.16 ? 88  PHE A N   1 
ATOM   320 C CA  . PHE A 1 41 ? 7.964   9.209   3.303   1.00 19.63 ? 88  PHE A CA  1 
ATOM   321 C C   . PHE A 1 41 ? 7.173   9.239   2.012   1.00 19.89 ? 88  PHE A C   1 
ATOM   322 O O   . PHE A 1 41 ? 5.991   9.597   1.990   1.00 19.80 ? 88  PHE A O   1 
ATOM   323 C CB  . PHE A 1 41 ? 7.918   7.818   3.936   1.00 19.30 ? 88  PHE A CB  1 
ATOM   324 C CG  . PHE A 1 41 ? 8.798   7.686   5.146   1.00 19.82 ? 88  PHE A CG  1 
ATOM   325 C CD1 . PHE A 1 41 ? 8.294   7.964   6.413   1.00 20.49 ? 88  PHE A CD1 1 
ATOM   326 C CD2 . PHE A 1 41 ? 10.144  7.336   5.016   1.00 20.80 ? 88  PHE A CD2 1 
ATOM   327 C CE1 . PHE A 1 41 ? 9.103   7.870   7.545   1.00 21.18 ? 88  PHE A CE1 1 
ATOM   328 C CE2 . PHE A 1 41 ? 10.965  7.248   6.141   1.00 22.79 ? 88  PHE A CE2 1 
ATOM   329 C CZ  . PHE A 1 41 ? 10.446  7.511   7.404   1.00 21.52 ? 88  PHE A CZ  1 
ATOM   330 N N   . MET A 1 42 ? 7.834   8.806   0.939   1.00 19.77 ? 89  MET A N   1 
ATOM   331 C CA  . MET A 1 42 ? 7.275   8.868   -0.400  1.00 21.69 ? 89  MET A CA  1 
ATOM   332 C C   . MET A 1 42 ? 7.709   7.631   -1.180  1.00 18.70 ? 89  MET A C   1 
ATOM   333 O O   . MET A 1 42 ? 8.680   6.979   -0.804  1.00 18.81 ? 89  MET A O   1 
ATOM   334 C CB  . MET A 1 42 ? 7.803   10.128  -1.100  1.00 21.70 ? 89  MET A CB  1 
ATOM   335 C CG  . MET A 1 42 ? 7.087   10.496  -2.375  1.00 25.32 ? 89  MET A CG  1 
ATOM   336 S SD  . MET A 1 42 ? 7.458   12.195  -2.866  1.00 30.34 ? 89  MET A SD  1 
ATOM   337 C CE  . MET A 1 42 ? 6.147   13.085  -2.036  1.00 29.86 ? 89  MET A CE  1 
ATOM   338 N N   . GLY A 1 43 ? 6.985   7.324   -2.251  1.00 17.35 ? 90  GLY A N   1 
ATOM   339 C CA  . GLY A 1 43 ? 7.361   6.234   -3.172  1.00 15.84 ? 90  GLY A CA  1 
ATOM   340 C C   . GLY A 1 43 ? 6.358   5.095   -3.259  1.00 14.65 ? 90  GLY A C   1 
ATOM   341 O O   . GLY A 1 43 ? 5.480   4.953   -2.400  1.00 14.26 ? 90  GLY A O   1 
ATOM   342 N N   . GLN A 1 44 ? 6.495   4.266   -4.290  1.00 13.67 ? 91  GLN A N   1 
ATOM   343 C CA  . GLN A 1 44 ? 5.676   3.073   -4.464  1.00 13.41 ? 91  GLN A CA  1 
ATOM   344 C C   . GLN A 1 44 ? 5.549   2.257   -3.172  1.00 12.36 ? 91  GLN A C   1 
ATOM   345 O O   . GLN A 1 44 ? 4.451   1.775   -2.823  1.00 12.18 ? 91  GLN A O   1 
ATOM   346 C CB  . GLN A 1 44 ? 6.270   2.197   -5.582  1.00 12.41 ? 91  GLN A CB  1 
ATOM   347 C CG  . GLN A 1 44 ? 5.594   0.844   -5.746  1.00 13.57 ? 91  GLN A CG  1 
ATOM   348 C CD  . GLN A 1 44 ? 5.972   0.139   -7.023  1.00 16.10 ? 91  GLN A CD  1 
ATOM   349 O OE1 . GLN A 1 44 ? 5.669   -1.042  -7.200  1.00 18.41 ? 91  GLN A OE1 1 
ATOM   350 N NE2 . GLN A 1 44 ? 6.606   0.868   -7.946  1.00 19.13 ? 91  GLN A NE2 1 
ATOM   351 N N   . ARG A 1 45 ? 6.672   2.104   -2.476  1.00 11.94 ? 92  ARG A N   1 
ATOM   352 C CA  . ARG A 1 45 ? 6.723   1.333   -1.235  1.00 12.33 ? 92  ARG A CA  1 
ATOM   353 C C   . ARG A 1 45 ? 6.976   2.232   -0.026  1.00 12.06 ? 92  ARG A C   1 
ATOM   354 O O   . ARG A 1 45 ? 7.317   1.747   1.045   1.00 12.65 ? 92  ARG A O   1 
ATOM   355 C CB  . ARG A 1 45 ? 7.812   0.271   -1.346  1.00 10.99 ? 92  ARG A CB  1 
ATOM   356 C CG  . ARG A 1 45 ? 7.554   -0.770  -2.440  1.00 11.31 ? 92  ARG A CG  1 
ATOM   357 C CD  . ARG A 1 45 ? 8.644   -1.843  -2.464  1.00 11.67 ? 92  ARG A CD  1 
ATOM   358 N NE  . ARG A 1 45 ? 8.641   -2.684  -1.276  1.00 10.69 ? 92  ARG A NE  1 
ATOM   359 C CZ  . ARG A 1 45 ? 9.619   -3.534  -0.955  1.00 10.90 ? 92  ARG A CZ  1 
ATOM   360 N NH1 . ARG A 1 45 ? 10.703  -3.656  -1.740  1.00 11.65 ? 92  ARG A NH1 1 
ATOM   361 N NH2 . ARG A 1 45 ? 9.538   -4.250  0.160   1.00 10.18 ? 92  ARG A NH2 1 
ATOM   362 N N   . CYS A 1 46 ? 6.779   3.544   -0.195  1.00 13.16 ? 93  CYS A N   1 
ATOM   363 C CA  . CYS A 1 46 ? 7.104   4.540   0.833   1.00 14.35 ? 93  CYS A CA  1 
ATOM   364 C C   . CYS A 1 46 ? 8.545   4.384   1.295   1.00 15.50 ? 93  CYS A C   1 
ATOM   365 O O   . CYS A 1 46 ? 8.872   4.519   2.484   1.00 15.13 ? 93  CYS A O   1 
ATOM   366 C CB  . CYS A 1 46 ? 6.144   4.446   2.016   1.00 14.91 ? 93  CYS A CB  1 
ATOM   367 S SG  . CYS A 1 46 ? 4.435   4.608   1.490   1.00 13.73 ? 93  CYS A SG  1 
ATOM   368 N N   . GLU A 1 47 ? 9.416   4.106   0.330   1.00 16.72 ? 94  GLU A N   1 
ATOM   369 C CA  . GLU A 1 47 ? 10.803  3.776   0.630   1.00 19.42 ? 94  GLU A CA  1 
ATOM   370 C C   . GLU A 1 47 ? 11.721  4.994   0.678   1.00 20.90 ? 94  GLU A C   1 
ATOM   371 O O   . GLU A 1 47 ? 12.851  4.900   1.176   1.00 21.87 ? 94  GLU A O   1 
ATOM   372 C CB  . GLU A 1 47 ? 11.335  2.772   -0.389  1.00 18.74 ? 94  GLU A CB  1 
ATOM   373 C CG  . GLU A 1 47 ? 11.511  3.338   -1.803  1.00 19.12 ? 94  GLU A CG  1 
ATOM   374 C CD  . GLU A 1 47 ? 10.324  3.111   -2.730  1.00 20.37 ? 94  GLU A CD  1 
ATOM   375 O OE1 . GLU A 1 47 ? 9.162   3.313   -2.326  1.00 17.64 ? 94  GLU A OE1 1 
ATOM   376 O OE2 . GLU A 1 47 ? 10.557  2.730   -3.903  1.00 23.72 ? 94  GLU A OE2 1 
ATOM   377 N N   . TYR A 1 48 ? 11.246  6.117   0.154   1.00 23.70 ? 95  TYR A N   1 
ATOM   378 C CA  . TYR A 1 48 ? 12.058  7.332   0.128   1.00 26.30 ? 95  TYR A CA  1 
ATOM   379 C C   . TYR A 1 48 ? 11.708  8.235   1.302   1.00 27.61 ? 95  TYR A C   1 
ATOM   380 O O   . TYR A 1 48 ? 10.543  8.606   1.479   1.00 27.48 ? 95  TYR A O   1 
ATOM   381 C CB  . TYR A 1 48 ? 11.913  8.056   -1.217  1.00 26.88 ? 95  TYR A CB  1 
ATOM   382 C CG  . TYR A 1 48 ? 12.473  7.245   -2.373  1.00 28.33 ? 95  TYR A CG  1 
ATOM   383 C CD1 . TYR A 1 48 ? 13.852  7.048   -2.505  1.00 29.01 ? 95  TYR A CD1 1 
ATOM   384 C CD2 . TYR A 1 48 ? 11.630  6.664   -3.320  1.00 28.13 ? 95  TYR A CD2 1 
ATOM   385 C CE1 . TYR A 1 48 ? 14.379  6.295   -3.550  1.00 29.52 ? 95  TYR A CE1 1 
ATOM   386 C CE2 . TYR A 1 48 ? 12.146  5.906   -4.379  1.00 29.11 ? 95  TYR A CE2 1 
ATOM   387 C CZ  . TYR A 1 48 ? 13.523  5.731   -4.484  1.00 29.81 ? 95  TYR A CZ  1 
ATOM   388 O OH  . TYR A 1 48 ? 14.051  4.989   -5.519  1.00 30.41 ? 95  TYR A OH  1 
ATOM   389 N N   . LYS A 1 49 ? 12.711  8.557   2.124   1.00 29.41 ? 96  LYS A N   1 
ATOM   390 C CA  . LYS A 1 49 ? 12.491  9.484   3.226   1.00 31.54 ? 96  LYS A CA  1 
ATOM   391 C C   . LYS A 1 49 ? 12.495  10.905  2.678   1.00 32.74 ? 96  LYS A C   1 
ATOM   392 O O   . LYS A 1 49 ? 13.555  11.500  2.457   1.00 33.25 ? 96  LYS A O   1 
ATOM   393 C CB  . LYS A 1 49 ? 13.512  9.320   4.359   1.00 31.59 ? 96  LYS A CB  1 
ATOM   394 C CG  . LYS A 1 49 ? 13.182  10.212  5.569   1.00 33.32 ? 96  LYS A CG  1 
ATOM   395 C CD  . LYS A 1 49 ? 14.369  10.423  6.503   1.00 35.76 ? 96  LYS A CD  1 
ATOM   396 C CE  . LYS A 1 49 ? 14.310  9.483   7.698   1.00 37.14 ? 96  LYS A CE  1 
ATOM   397 N NZ  . LYS A 1 49 ? 13.070  9.685   8.503   1.00 37.86 ? 96  LYS A NZ  1 
ATOM   398 N N   . GLU A 1 50 ? 11.281  11.403  2.439   1.00 34.18 ? 97  GLU A N   1 
ATOM   399 C CA  . GLU A 1 50 ? 11.000  12.738  1.935   1.00 35.03 ? 97  GLU A CA  1 
ATOM   400 C C   . GLU A 1 50 ? 11.131  13.764  3.057   1.00 35.48 ? 97  GLU A C   1 
ATOM   401 O O   . GLU A 1 50 ? 12.095  14.529  3.100   1.00 35.75 ? 97  GLU A O   1 
ATOM   402 C CB  . GLU A 1 50 ? 9.579   12.757  1.359   1.00 35.61 ? 97  GLU A CB  1 
ATOM   403 C CG  . GLU A 1 50 ? 8.976   14.140  1.133   1.00 37.16 ? 97  GLU A CG  1 
ATOM   404 C CD  . GLU A 1 50 ? 7.464   14.165  1.325   1.00 39.15 ? 97  GLU A CD  1 
ATOM   405 O OE1 . GLU A 1 50 ? 6.816   15.109  0.822   1.00 39.93 ? 97  GLU A OE1 1 
ATOM   406 O OE2 . GLU A 1 50 ? 6.920   13.248  1.984   1.00 40.19 ? 97  GLU A OE2 1 
HETATM 407 O O   . HOH B 2 .  ? 5.906   5.351   5.313   1.00 13.39 ? 100 HOH A O   1 
HETATM 408 O O   . HOH B 2 .  ? 1.880   -0.206  -5.786  1.00 12.40 ? 101 HOH A O   1 
HETATM 409 O O   . HOH B 2 .  ? 6.917   -4.032  5.365   1.00 14.19 ? 102 HOH A O   1 
HETATM 410 O O   . HOH B 2 .  ? 2.919   -3.587  3.590   1.00 16.83 ? 103 HOH A O   1 
HETATM 411 O O   . HOH B 2 .  ? -2.255  -4.976  -10.238 1.00 16.82 ? 104 HOH A O   1 
HETATM 412 O O   . HOH B 2 .  ? -4.540  0.261   -3.935  1.00 16.54 ? 105 HOH A O   1 
HETATM 413 O O   . HOH B 2 .  ? -3.612  -4.107  4.452   1.00 18.15 ? 106 HOH A O   1 
HETATM 414 O O   . HOH B 2 .  ? 4.600   2.165   -8.785  1.00 19.18 ? 107 HOH A O   1 
HETATM 415 O O   . HOH B 2 .  ? 10.753  -0.206  6.556   1.00 19.77 ? 108 HOH A O   1 
HETATM 416 O O   . HOH B 2 .  ? -0.838  -4.200  -7.256  1.00 17.65 ? 109 HOH A O   1 
HETATM 417 O O   . HOH B 2 .  ? -0.101  -2.843  5.981   1.00 19.24 ? 110 HOH A O   1 
HETATM 418 O O   . HOH B 2 .  ? -12.029 -1.021  -4.784  1.00 18.53 ? 111 HOH A O   1 
HETATM 419 O O   . HOH B 2 .  ? 4.643   8.597   -2.774  1.00 21.39 ? 112 HOH A O   1 
HETATM 420 O O   . HOH B 2 .  ? -0.243  -13.344 0.448   1.00 20.79 ? 113 HOH A O   1 
HETATM 421 O O   . HOH B 2 .  ? -0.398  9.278   6.259   1.00 17.58 ? 114 HOH A O   1 
HETATM 422 O O   . HOH B 2 .  ? 5.384   -0.584  7.035   1.00 20.64 ? 115 HOH A O   1 
HETATM 423 O O   . HOH B 2 .  ? -3.734  -13.373 2.176   1.00 32.44 ? 116 HOH A O   1 
HETATM 424 O O   . HOH B 2 .  ? 8.422   5.577   9.949   1.00 25.26 ? 117 HOH A O   1 
HETATM 425 O O   . HOH B 2 .  ? 2.613   -2.578  6.118   1.00 19.84 ? 118 HOH A O   1 
HETATM 426 O O   . HOH B 2 .  ? -3.225  -9.409  5.409   1.00 30.80 ? 119 HOH A O   1 
HETATM 427 O O   . HOH B 2 .  ? 8.778   -10.369 8.502   1.00 27.03 ? 120 HOH A O   1 
HETATM 428 O O   . HOH B 2 .  ? 8.812   4.517   -5.982  1.00 25.95 ? 121 HOH A O   1 
HETATM 429 O O   . HOH B 2 .  ? 6.322   9.694   10.388  1.00 27.04 ? 122 HOH A O   1 
HETATM 430 O O   . HOH B 2 .  ? 7.280   1.979   14.539  1.00 40.15 ? 123 HOH A O   1 
HETATM 431 O O   . HOH B 2 .  ? 15.528  8.017   1.538   1.00 35.20 ? 124 HOH A O   1 
HETATM 432 O O   . HOH B 2 .  ? 0.713   8.016   1.095   1.00 27.46 ? 125 HOH A O   1 
HETATM 433 O O   . HOH B 2 .  ? 9.676   0.364   -4.916  1.00 31.92 ? 126 HOH A O   1 
HETATM 434 O O   . HOH B 2 .  ? -7.402  2.728   3.171   1.00 30.10 ? 127 HOH A O   1 
HETATM 435 O O   . HOH B 2 .  ? -4.391  -0.309  5.488   1.00 24.43 ? 128 HOH A O   1 
HETATM 436 O O   . HOH B 2 .  ? -1.570  3.155   12.589  1.00 38.88 ? 129 HOH A O   1 
HETATM 437 O O   . HOH B 2 .  ? -3.201  -7.772  -8.628  1.00 25.70 ? 130 HOH A O   1 
HETATM 438 O O   . HOH B 2 .  ? -9.357  4.752   -2.819  1.00 30.42 ? 131 HOH A O   1 
HETATM 439 O O   . HOH B 2 .  ? -7.554  -4.098  7.716   1.00 35.54 ? 132 HOH A O   1 
HETATM 440 O O   . HOH B 2 .  ? -5.410  2.044   4.780   1.00 37.87 ? 133 HOH A O   1 
HETATM 441 O O   . HOH B 2 .  ? -10.289 5.982   -5.081  1.00 36.77 ? 134 HOH A O   1 
HETATM 442 O O   . HOH B 2 .  ? -14.284 -1.362  -5.975  1.00 33.16 ? 135 HOH A O   1 
HETATM 443 O O   . HOH B 2 .  ? -14.395 -2.298  -8.252  1.00 32.91 ? 136 HOH A O   1 
HETATM 444 O O   . HOH B 2 .  ? 5.091   12.999  3.826   1.00 36.64 ? 137 HOH A O   1 
HETATM 445 O O   . HOH B 2 .  ? 0.853   -5.739  8.815   1.00 42.53 ? 138 HOH A O   1 
HETATM 446 O O   . HOH B 2 .  ? 2.685   5.046   -2.371  1.00 27.12 ? 139 HOH A O   1 
HETATM 447 O O   . HOH B 2 .  ? 8.504   -0.153  8.439   1.00 35.91 ? 140 HOH A O   1 
HETATM 448 O O   . HOH B 2 .  ? -14.970 -3.607  -4.511  1.00 44.69 ? 141 HOH A O   1 
HETATM 449 O O   . HOH B 2 .  ? -5.430  -3.040  6.568   1.00 33.97 ? 142 HOH A O   1 
HETATM 450 O O   . HOH B 2 .  ? 0.656   -2.465  -8.039  0.50 35.33 ? 143 HOH A O   1 
HETATM 451 O O   . HOH B 2 .  ? -0.932  -17.527 6.518   1.00 33.26 ? 144 HOH A O   1 
HETATM 452 O O   . HOH B 2 .  ? 9.230   -2.336  -5.970  1.00 32.68 ? 145 HOH A O   1 
HETATM 453 O O   . HOH B 2 .  ? -1.315  5.655   -1.763  1.00 34.75 ? 146 HOH A O   1 
HETATM 454 O O   . HOH B 2 .  ? -10.904 3.716   2.366   1.00 30.19 ? 147 HOH A O   1 
HETATM 455 O O   . HOH B 2 .  ? -4.069  -9.793  -6.952  1.00 34.01 ? 148 HOH A O   1 
HETATM 456 O O   . HOH B 2 .  ? 14.063  -2.705  -1.747  1.00 37.18 ? 149 HOH A O   1 
HETATM 457 O O   . HOH B 2 .  ? 3.231   9.819   -0.534  1.00 45.14 ? 150 HOH A O   1 
HETATM 458 O O   . HOH B 2 .  ? -3.270  -5.219  8.406   1.00 39.02 ? 151 HOH A O   1 
HETATM 459 O O   . HOH B 2 .  ? 15.643  5.435   0.726   1.00 41.31 ? 152 HOH A O   1 
HETATM 460 O O   . HOH B 2 .  ? -7.695  -7.164  -0.927  1.00 32.90 ? 153 HOH A O   1 
HETATM 461 O O   . HOH B 2 .  ? 8.476   7.891   11.248  1.00 31.16 ? 154 HOH A O   1 
HETATM 462 O O   . HOH B 2 .  ? 16.985  4.403   -4.823  1.00 56.50 ? 155 HOH A O   1 
HETATM 463 O O   . HOH B 2 .  ? -5.715  -11.548 5.561   1.00 44.40 ? 156 HOH A O   1 
HETATM 464 O O   . HOH B 2 .  ? 6.210   -7.372  8.740   1.00 32.34 ? 157 HOH A O   1 
HETATM 465 O O   . HOH B 2 .  ? -11.677 5.252   0.257   1.00 34.91 ? 158 HOH A O   1 
HETATM 466 O O   . HOH B 2 .  ? 1.633   11.123  4.223   1.00 53.34 ? 159 HOH A O   1 
HETATM 467 O O   . HOH B 2 .  ? -3.082  4.717   -4.652  1.00 46.23 ? 160 HOH A O   1 
HETATM 468 O O   . HOH B 2 .  ? -6.468  4.811   1.462   1.00 43.24 ? 161 HOH A O   1 
HETATM 469 O O   . HOH B 2 .  ? 4.362   -4.100  6.948   1.00 34.13 ? 162 HOH A O   1 
HETATM 470 O O   . HOH B 2 .  ? 14.352  14.267  5.168   1.00 46.90 ? 163 HOH A O   1 
HETATM 471 O O   . HOH B 2 .  ? -15.087 -4.880  -8.250  1.00 35.44 ? 164 HOH A O   1 
HETATM 472 O O   . HOH B 2 .  ? 11.964  0.064   -3.876  1.00 33.96 ? 165 HOH A O   1 
HETATM 473 O O   . HOH B 2 .  ? 13.959  15.239  1.380   1.00 51.53 ? 166 HOH A O   1 
HETATM 474 O O   . HOH B 2 .  ? 10.863  9.420   10.732  1.00 41.96 ? 167 HOH A O   1 
HETATM 475 O O   . HOH B 2 .  ? -4.626  2.571   -5.805  1.00 40.64 ? 168 HOH A O   1 
HETATM 476 O O   . HOH B 2 .  ? 3.137   14.755  4.359   1.00 41.22 ? 169 HOH A O   1 
HETATM 477 O O   . HOH B 2 .  ? -6.623  -8.839  -2.680  1.00 35.42 ? 170 HOH A O   1 
HETATM 478 O O   . HOH B 2 .  ? 6.225   -1.485  9.475   1.00 41.17 ? 171 HOH A O   1 
HETATM 479 O O   . HOH B 2 .  ? 12.876  1.086   5.682   1.00 38.30 ? 172 HOH A O   1 
HETATM 480 O O   . HOH B 2 .  ? -9.201  -5.999  -3.859  1.00 42.94 ? 173 HOH A O   1 
HETATM 481 O O   . HOH B 2 .  ? -6.618  -5.404  10.309  1.00 50.48 ? 174 HOH A O   1 
HETATM 482 O O   . HOH B 2 .  ? 15.065  3.881   -1.270  1.00 39.04 ? 175 HOH A O   1 
HETATM 483 O O   . HOH B 2 .  ? 8.576   -0.224  11.202  1.00 48.50 ? 176 HOH A O   1 
HETATM 484 O O   . HOH B 2 .  ? -15.932 10.328  -5.128  1.00 53.57 ? 177 HOH A O   1 
HETATM 485 O O   . HOH B 2 .  ? -7.568  -2.676  -14.124 1.00 41.80 ? 178 HOH A O   1 
HETATM 486 O O   . HOH B 2 .  ? 11.456  -2.478  -4.373  1.00 22.75 ? 179 HOH A O   1 
HETATM 487 O O   . HOH B 2 .  ? 13.313  3.398   3.430   1.00 34.51 ? 180 HOH A O   1 
# 
